data_8OP6
#
_entry.id   8OP6
#
_cell.length_a   1.00
_cell.length_b   1.00
_cell.length_c   1.00
_cell.angle_alpha   90.00
_cell.angle_beta   90.00
_cell.angle_gamma   90.00
#
_symmetry.space_group_name_H-M   'P 1'
#
loop_
_entity.id
_entity.type
_entity.pdbx_description
1 polymer 'Cation-transporting ATPase-like protein'
2 non-polymer 'TETRAFLUOROALUMINATE ION'
3 non-polymer 'MAGNESIUM ION'
#
_entity_poly.entity_id   1
_entity_poly.type   'polypeptide(L)'
_entity_poly.pdbx_seq_one_letter_code
;MAPLVDNPQIKSAELLRPLPLYQHAYVWPYVIVWPVFLRVYLTQELYDKYIGAQEWTFVWIISIVTFQTLTWLCTHWSVN
LNALFTAKKASSIEDAQLIKVIPVANAGAADICKLVRDKVGDNKTNISFLFQKRRFLWYPERKAFSTLEFDIDAEPKPTL
SKFQLSRGIESEDELKRLEQHYGTNTFDIPVPTFTELFKEHAVAPFFVFQVFCVGLWLLDEYWYYSLFTLVMLVVFESTV
VWQRQRTLTEFRSMSIKPYPIYVYRLGKWTEIQSDKLLPGDLVSVTRTKEDSGVACDMILVEGTAIVNEAMLSGESTPLL
KDSIQLRPGDAVLEVDGLDKNSLLWGGTKVLQITHGTAEEERPKPASGIPPPPDNGAMAVVTKTGFETSQGSLVRTMIYS
TERVSANNTEALLFILFLLVFALAASWYVWDEGVRKDRKRSKLLLDCILIITSVVPPELPMELSLAVNTSLSALAKFAIF
CTEPFRIPFAGRIDVACFDKTGTLTGEDLVVEGIAGLGLGHSGTDTPKEADGAHTRMVSVHDAGMETTLVLATAHALVKL
DEGEIVGDPMEKATLNALGWVLGKNDTLTSKPGNAASSGILGTVQIKRRFQFSSALKRQSSVATITATEVKTGRKLRGSF
VGVKGAPETIMKMLVTVPEHYEETYKYFTRRGSRVLALAYKQLTTEGELGANKINDLKRESVEADLHFAGFLVLQCPLKE
DAKQAVRMLNESSHRVVMITGDNPLTAVHVAKEVEIVDRDVLILDAPEHSVYGEESLVWRSVDDKIRIDVDPTKPIDPEI
LKTKDLCVTGYALNKFKGQVGWKSLLRYTWVYARVSPKQKEDILLGLKDMGYYTLMAGDGTNDVGALKQAHVGVALLNGT
QEDLNRIAEHTRNQKMKELYQKQVDLMARWGQPPPPVPAMIAHLYPPGPSNPHYQKAMEREAQKRGVTVEQLAKVNGTNV
TSNPAGVQQQSGQDAKKAKQVEAAKKAANFADKLTSSLMEAEMDDEPPTLKLGDASVAAPFTSKLRNVMAIPNILRQGRC
TLVATIQMYKILALNCLISAYSLSVLYLEGIKFGDGQITISGMLMSVCFLSISRARSVEGLSKERPQPNIFNFYIIGSIL
GQFAVHVATLIYIAQLCDQIEPRTEVIDLEAEFKPSLLNSAVYLLQLIQQISTFAVNYQGRPFRESLSENKGMFYGIVGV
TAIAFACSTEMLPELNEAMKLVPFNENFKTIMTTVMIIDFVACYVIEWVLKKLFSDLRARDIAERRPDQLERERVRKEKE
AREKEEEEERKERERIEAFERRLEEKRTRLVEAAAQREQQQQQWAQRR
;
_entity_poly.pdbx_strand_id   A
#
loop_
_chem_comp.id
_chem_comp.type
_chem_comp.name
_chem_comp.formula
ALF non-polymer 'TETRAFLUOROALUMINATE ION' 'Al F4 -1'
MG non-polymer 'MAGNESIUM ION' 'Mg 2'
#
# COMPACT_ATOMS: atom_id res chain seq x y z
N PRO A 3 -0.17 22.43 24.52
CA PRO A 3 0.49 21.16 24.80
C PRO A 3 2.00 21.28 24.88
N LEU A 4 2.68 20.19 25.27
CA LEU A 4 4.13 20.23 25.40
C LEU A 4 4.81 20.27 24.04
N VAL A 5 4.25 19.58 23.05
CA VAL A 5 4.77 19.59 21.69
C VAL A 5 3.68 20.12 20.77
N ASP A 6 4.09 20.71 19.65
CA ASP A 6 3.14 21.30 18.70
C ASP A 6 3.24 20.54 17.38
N ASN A 7 2.47 19.46 17.27
CA ASN A 7 2.44 18.65 16.06
C ASN A 7 1.14 17.87 16.01
N PRO A 8 0.50 17.75 14.84
CA PRO A 8 -0.79 17.06 14.76
C PRO A 8 -0.70 15.55 14.89
N GLN A 9 0.50 14.98 15.03
CA GLN A 9 0.66 13.53 15.08
C GLN A 9 1.14 13.04 16.44
N ILE A 10 1.08 13.88 17.47
CA ILE A 10 1.43 13.50 18.82
C ILE A 10 0.28 13.90 19.75
N LYS A 11 -0.22 12.94 20.53
CA LYS A 11 -1.38 13.20 21.37
C LYS A 11 -1.01 14.00 22.62
N SER A 12 -0.14 13.43 23.46
CA SER A 12 0.25 14.09 24.70
C SER A 12 1.65 13.67 25.09
N ALA A 13 2.29 14.48 25.92
CA ALA A 13 3.63 14.20 26.40
C ALA A 13 3.88 14.96 27.69
N GLU A 14 4.69 14.37 28.57
CA GLU A 14 5.08 15.00 29.82
C GLU A 14 6.58 14.79 30.04
N LEU A 15 7.11 15.40 31.10
CA LEU A 15 8.52 15.33 31.43
C LEU A 15 8.72 14.42 32.63
N LEU A 16 9.70 13.53 32.54
CA LEU A 16 9.98 12.56 33.59
C LEU A 16 11.43 12.67 34.04
N ARG A 17 11.74 11.92 35.10
CA ARG A 17 13.09 11.80 35.64
C ARG A 17 13.25 10.38 36.17
N PRO A 18 14.36 9.73 35.86
CA PRO A 18 14.58 8.38 36.38
C PRO A 18 14.86 8.37 37.87
N LEU A 19 14.51 7.27 38.51
CA LEU A 19 14.85 6.99 39.90
C LEU A 19 15.96 5.95 39.98
N PRO A 20 16.68 5.89 41.09
CA PRO A 20 17.67 4.83 41.27
C PRO A 20 17.05 3.44 41.23
N LEU A 21 17.93 2.43 41.20
CA LEU A 21 17.49 1.04 41.03
C LEU A 21 16.66 0.57 42.22
N TYR A 22 17.02 0.99 43.42
CA TYR A 22 16.35 0.48 44.62
C TYR A 22 14.94 1.04 44.79
N GLN A 23 14.60 2.11 44.08
CA GLN A 23 13.26 2.70 44.17
C GLN A 23 12.31 2.17 43.10
N HIS A 24 12.76 1.22 42.27
CA HIS A 24 11.91 0.67 41.23
C HIS A 24 10.77 -0.13 41.83
N ALA A 25 9.70 -0.28 41.05
CA ALA A 25 8.49 -0.96 41.52
C ALA A 25 8.67 -2.47 41.65
N TYR A 26 9.72 -3.05 41.06
CA TYR A 26 9.95 -4.49 41.14
C TYR A 26 11.12 -4.83 42.06
N VAL A 27 11.50 -3.93 42.97
CA VAL A 27 12.60 -4.20 43.89
C VAL A 27 12.15 -4.05 45.33
N TRP A 28 11.71 -2.84 45.71
CA TRP A 28 11.44 -2.58 47.13
C TRP A 28 10.25 -3.36 47.69
N PRO A 29 9.08 -3.48 47.02
CA PRO A 29 8.00 -4.25 47.66
C PRO A 29 8.35 -5.72 47.82
N TYR A 30 9.12 -6.28 46.89
CA TYR A 30 9.45 -7.70 46.97
C TYR A 30 10.53 -7.95 48.01
N VAL A 31 11.45 -7.00 48.21
CA VAL A 31 12.46 -7.17 49.26
C VAL A 31 11.86 -6.82 50.61
N ILE A 32 10.66 -6.23 50.62
CA ILE A 32 9.87 -6.19 51.84
C ILE A 32 9.19 -7.54 52.07
N VAL A 33 8.61 -8.11 51.02
CA VAL A 33 7.76 -9.30 51.17
C VAL A 33 8.59 -10.53 51.52
N TRP A 34 9.70 -10.76 50.82
CA TRP A 34 10.49 -11.99 50.93
C TRP A 34 11.01 -12.31 52.35
N PRO A 35 11.58 -11.34 53.12
CA PRO A 35 11.98 -11.68 54.49
C PRO A 35 10.81 -12.09 55.38
N VAL A 36 9.63 -11.52 55.13
CA VAL A 36 8.45 -11.90 55.89
C VAL A 36 8.09 -13.35 55.62
N PHE A 37 8.10 -13.75 54.34
CA PHE A 37 7.81 -15.14 53.99
C PHE A 37 8.89 -16.08 54.54
N LEU A 38 10.15 -15.64 54.53
CA LEU A 38 11.22 -16.45 55.09
C LEU A 38 11.03 -16.66 56.59
N ARG A 39 10.63 -15.61 57.31
CA ARG A 39 10.38 -15.73 58.74
C ARG A 39 9.17 -16.62 59.01
N VAL A 40 8.14 -16.53 58.18
CA VAL A 40 6.99 -17.40 58.33
C VAL A 40 7.37 -18.86 58.08
N TYR A 41 8.22 -19.10 57.09
CA TYR A 41 8.67 -20.46 56.80
C TYR A 41 9.57 -21.01 57.90
N LEU A 42 10.39 -20.17 58.52
CA LEU A 42 11.35 -20.65 59.51
C LEU A 42 10.75 -20.91 60.88
N THR A 43 9.55 -20.39 61.18
CA THR A 43 8.92 -20.65 62.46
C THR A 43 8.02 -21.87 62.37
N GLN A 44 7.90 -22.58 63.49
CA GLN A 44 7.13 -23.82 63.53
C GLN A 44 5.73 -23.64 64.12
N GLU A 45 5.55 -22.67 65.02
CA GLU A 45 4.22 -22.45 65.60
C GLU A 45 3.28 -21.79 64.60
N LEU A 46 3.79 -20.92 63.72
CA LEU A 46 2.98 -20.31 62.67
C LEU A 46 3.07 -21.11 61.38
N TYR A 47 2.80 -22.41 61.48
CA TYR A 47 2.81 -23.31 60.33
C TYR A 47 1.39 -23.71 59.91
N ASP A 48 0.39 -22.98 60.37
CA ASP A 48 -1.01 -23.31 60.12
C ASP A 48 -1.56 -22.67 58.84
N LYS A 49 -0.71 -22.00 58.06
CA LYS A 49 -1.12 -21.39 56.80
C LYS A 49 -0.98 -22.33 55.62
N TYR A 50 -1.05 -23.65 55.88
CA TYR A 50 -1.08 -24.69 54.84
C TYR A 50 0.22 -24.73 54.03
N ILE A 51 1.34 -24.79 54.74
CA ILE A 51 2.64 -25.10 54.14
C ILE A 51 3.17 -26.40 54.72
N GLY A 52 2.29 -27.22 55.31
CA GLY A 52 2.72 -28.47 55.93
C GLY A 52 3.29 -29.45 54.93
N ALA A 53 2.62 -29.62 53.79
CA ALA A 53 3.13 -30.46 52.72
C ALA A 53 4.31 -29.78 52.04
N GLN A 54 5.29 -30.58 51.61
CA GLN A 54 6.51 -30.03 51.03
C GLN A 54 6.29 -29.43 49.65
N GLU A 55 5.19 -29.77 48.98
CA GLU A 55 4.96 -29.29 47.62
C GLU A 55 4.16 -27.99 47.56
N TRP A 56 3.70 -27.47 48.70
CA TRP A 56 3.08 -26.14 48.71
C TRP A 56 4.12 -25.03 48.81
N THR A 57 5.30 -25.33 49.34
CA THR A 57 6.41 -24.38 49.28
C THR A 57 6.77 -24.06 47.84
N PHE A 58 6.80 -25.09 46.98
CA PHE A 58 7.03 -24.88 45.56
C PHE A 58 5.93 -24.02 44.95
N VAL A 59 4.67 -24.25 45.34
CA VAL A 59 3.57 -23.47 44.79
C VAL A 59 3.72 -21.99 45.16
N TRP A 60 4.00 -21.71 46.43
CA TRP A 60 4.13 -20.32 46.86
C TRP A 60 5.35 -19.66 46.23
N ILE A 61 6.48 -20.37 46.15
CA ILE A 61 7.68 -19.81 45.56
C ILE A 61 7.45 -19.49 44.08
N ILE A 62 6.83 -20.41 43.35
CA ILE A 62 6.56 -20.21 41.93
C ILE A 62 5.59 -19.05 41.74
N SER A 63 4.57 -18.94 42.60
CA SER A 63 3.61 -17.84 42.48
C SER A 63 4.29 -16.49 42.71
N ILE A 64 5.15 -16.39 43.72
CA ILE A 64 5.79 -15.11 44.01
C ILE A 64 6.80 -14.76 42.93
N VAL A 65 7.55 -15.74 42.42
CA VAL A 65 8.50 -15.49 41.34
C VAL A 65 7.76 -15.09 40.07
N THR A 66 6.60 -15.70 39.81
CA THR A 66 5.78 -15.30 38.66
C THR A 66 5.29 -13.88 38.81
N PHE A 67 4.89 -13.48 40.02
CA PHE A 67 4.49 -12.10 40.26
C PHE A 67 5.63 -11.13 40.01
N GLN A 68 6.84 -11.47 40.47
CA GLN A 68 8.00 -10.60 40.24
C GLN A 68 8.33 -10.50 38.75
N THR A 69 8.26 -11.62 38.03
CA THR A 69 8.55 -11.61 36.60
C THR A 69 7.51 -10.80 35.84
N LEU A 70 6.23 -10.91 36.23
CA LEU A 70 5.18 -10.11 35.59
C LEU A 70 5.39 -8.63 35.87
N THR A 71 5.77 -8.27 37.10
CA THR A 71 6.04 -6.88 37.44
C THR A 71 7.20 -6.33 36.63
N TRP A 72 8.26 -7.13 36.45
CA TRP A 72 9.39 -6.68 35.64
C TRP A 72 9.00 -6.53 34.16
N LEU A 73 8.23 -7.49 33.64
CA LEU A 73 7.88 -7.46 32.22
C LEU A 73 6.83 -6.42 31.90
N CYS A 74 6.11 -5.91 32.91
CA CYS A 74 5.14 -4.85 32.67
C CYS A 74 5.80 -3.55 32.22
N THR A 75 7.09 -3.38 32.51
CA THR A 75 7.81 -2.19 32.01
C THR A 75 8.05 -2.30 30.52
N HIS A 76 8.31 -3.51 30.01
CA HIS A 76 8.55 -3.70 28.59
C HIS A 76 7.27 -3.87 27.79
N TRP A 77 6.17 -4.31 28.42
CA TRP A 77 4.94 -4.54 27.68
C TRP A 77 4.26 -3.24 27.29
N SER A 78 4.22 -2.26 28.20
CA SER A 78 3.56 -0.99 27.95
C SER A 78 4.54 0.14 28.24
N VAL A 79 4.08 1.37 27.95
CA VAL A 79 4.89 2.56 28.14
C VAL A 79 4.40 3.40 29.32
N ASN A 80 3.08 3.47 29.52
CA ASN A 80 2.55 4.17 30.68
C ASN A 80 2.94 3.46 31.97
N LEU A 81 2.89 2.13 31.97
CA LEU A 81 3.34 1.36 33.13
C LEU A 81 4.83 1.54 33.36
N ASN A 82 5.61 1.74 32.29
CA ASN A 82 7.03 2.05 32.45
C ASN A 82 7.22 3.38 33.19
N ALA A 83 6.43 4.40 32.83
CA ALA A 83 6.50 5.67 33.52
C ALA A 83 6.03 5.57 34.96
N LEU A 84 5.04 4.71 35.23
CA LEU A 84 4.58 4.53 36.60
C LEU A 84 5.55 3.72 37.45
N PHE A 85 6.34 2.84 36.83
CA PHE A 85 7.21 1.93 37.59
C PHE A 85 8.62 2.45 37.77
N THR A 86 9.19 3.17 36.78
CA THR A 86 10.58 3.57 36.87
C THR A 86 10.82 5.04 36.56
N ALA A 87 9.77 5.86 36.50
CA ALA A 87 9.91 7.29 36.25
C ALA A 87 9.14 8.08 37.30
N LYS A 88 9.57 9.31 37.54
CA LYS A 88 8.91 10.22 38.46
C LYS A 88 8.73 11.57 37.77
N LYS A 89 7.59 12.19 37.99
CA LYS A 89 7.28 13.44 37.31
C LYS A 89 8.20 14.56 37.76
N ALA A 90 8.64 15.37 36.80
CA ALA A 90 9.56 16.46 37.06
C ALA A 90 8.81 17.79 37.19
N SER A 91 9.33 18.66 38.06
CA SER A 91 8.66 19.93 38.32
C SER A 91 8.79 20.89 37.14
N SER A 92 9.99 21.01 36.58
CA SER A 92 10.27 21.97 35.52
C SER A 92 11.21 21.34 34.50
N ILE A 93 11.44 22.08 33.41
CA ILE A 93 12.29 21.58 32.34
C ILE A 93 13.76 21.56 32.74
N GLU A 94 14.14 22.33 33.77
CA GLU A 94 15.55 22.40 34.16
C GLU A 94 16.03 21.09 34.78
N ASP A 95 15.12 20.28 35.31
CA ASP A 95 15.48 19.03 35.96
C ASP A 95 15.00 17.80 35.22
N ALA A 96 14.32 17.96 34.09
CA ALA A 96 13.83 16.83 33.33
C ALA A 96 14.98 16.08 32.66
N GLN A 97 14.83 14.76 32.55
CA GLN A 97 15.87 13.93 31.94
C GLN A 97 15.33 12.92 30.93
N LEU A 98 14.02 12.67 30.89
CA LEU A 98 13.44 11.77 29.90
C LEU A 98 12.07 12.32 29.51
N ILE A 99 11.68 12.09 28.26
CA ILE A 99 10.38 12.52 27.75
C ILE A 99 9.62 11.30 27.26
N LYS A 100 8.39 11.14 27.73
CA LYS A 100 7.49 10.09 27.25
C LYS A 100 6.56 10.70 26.21
N VAL A 101 6.59 10.15 25.00
CA VAL A 101 5.82 10.69 23.89
C VAL A 101 4.86 9.61 23.40
N ILE A 102 3.59 9.95 23.34
CA ILE A 102 2.53 9.09 22.81
C ILE A 102 1.98 9.77 21.56
N PRO A 103 1.99 9.10 20.41
CA PRO A 103 1.51 9.72 19.18
C PRO A 103 -0.01 9.62 19.08
N VAL A 104 -0.54 10.19 18.00
CA VAL A 104 -1.94 9.98 17.66
C VAL A 104 -2.16 8.51 17.39
N ALA A 105 -3.28 7.97 17.87
CA ALA A 105 -3.56 6.55 17.81
C ALA A 105 -3.51 6.02 16.38
N ASN A 106 -3.22 4.72 16.26
CA ASN A 106 -3.00 3.96 15.03
C ASN A 106 -2.06 4.64 14.04
N ALA A 107 -1.15 5.49 14.50
CA ALA A 107 -0.19 6.18 13.64
C ALA A 107 1.21 6.12 14.23
N GLY A 108 1.61 4.93 14.71
CA GLY A 108 2.93 4.70 15.24
C GLY A 108 2.87 4.02 16.59
N ALA A 109 4.00 4.06 17.29
CA ALA A 109 4.13 3.44 18.61
C ALA A 109 4.69 4.45 19.60
N ALA A 110 4.13 4.45 20.81
CA ALA A 110 4.59 5.35 21.86
C ALA A 110 5.98 4.96 22.34
N ASP A 111 6.77 5.96 22.69
CA ASP A 111 8.17 5.70 23.05
C ASP A 111 8.65 6.72 24.06
N ILE A 112 9.72 6.35 24.77
CA ILE A 112 10.42 7.26 25.67
C ILE A 112 11.72 7.66 24.99
N CYS A 113 12.17 8.89 25.25
CA CYS A 113 13.34 9.44 24.60
C CYS A 113 14.17 10.24 25.61
N LYS A 114 15.45 10.39 25.29
CA LYS A 114 16.40 11.11 26.12
C LYS A 114 16.68 12.48 25.52
N LEU A 115 16.71 13.50 26.37
CA LEU A 115 17.02 14.85 25.93
C LEU A 115 18.52 15.03 25.75
N VAL A 116 18.89 16.00 24.92
CA VAL A 116 20.27 16.43 24.79
C VAL A 116 20.32 17.95 24.86
N ARG A 117 21.27 18.46 25.65
CA ARG A 117 21.47 19.89 25.85
C ARG A 117 22.83 20.26 25.29
N ASP A 118 22.83 21.01 24.20
CA ASP A 118 24.06 21.40 23.51
C ASP A 118 24.22 22.92 23.58
N LYS A 119 25.34 23.40 23.07
CA LYS A 119 25.63 24.83 23.01
C LYS A 119 25.54 25.33 21.57
N THR A 125 22.22 25.14 26.17
CA THR A 125 21.39 26.19 25.60
C THR A 125 20.30 25.61 24.71
N ASN A 126 20.71 24.79 23.74
CA ASN A 126 19.77 24.15 22.83
C ASN A 126 19.32 22.82 23.42
N ILE A 127 18.00 22.64 23.52
CA ILE A 127 17.40 21.44 24.07
C ILE A 127 16.69 20.71 22.94
N SER A 128 17.03 19.44 22.74
CA SER A 128 16.43 18.71 21.63
C SER A 128 16.29 17.24 22.01
N PHE A 129 15.47 16.53 21.23
CA PHE A 129 15.35 15.08 21.40
C PHE A 129 14.87 14.44 20.10
N LEU A 130 15.20 13.17 19.94
CA LEU A 130 14.87 12.42 18.73
C LEU A 130 13.71 11.48 19.00
N PHE A 131 12.68 11.56 18.16
CA PHE A 131 11.50 10.71 18.27
C PHE A 131 11.13 10.25 16.87
N GLN A 132 11.06 8.93 16.67
CA GLN A 132 10.77 8.30 15.38
C GLN A 132 11.70 8.82 14.28
N LYS A 133 12.98 8.94 14.63
CA LYS A 133 14.05 9.44 13.75
C LYS A 133 13.77 10.86 13.26
N ARG A 134 12.98 11.63 14.00
CA ARG A 134 12.74 13.04 13.70
C ARG A 134 13.18 13.88 14.89
N ARG A 135 13.87 14.98 14.63
CA ARG A 135 14.47 15.78 15.68
C ARG A 135 13.52 16.91 16.07
N PHE A 136 13.15 16.96 17.35
CA PHE A 136 12.35 18.02 17.92
C PHE A 136 13.23 18.94 18.77
N LEU A 137 12.94 20.23 18.69
CA LEU A 137 13.73 21.26 19.35
C LEU A 137 12.82 22.12 20.22
N TRP A 138 13.34 22.55 21.36
CA TRP A 138 12.58 23.36 22.31
C TRP A 138 12.67 24.83 21.95
N TYR A 139 11.55 25.55 22.10
CA TYR A 139 11.51 26.98 21.88
C TYR A 139 11.14 27.69 23.17
N PRO A 140 12.04 28.48 23.76
CA PRO A 140 11.71 29.14 25.04
C PRO A 140 10.59 30.17 24.95
N GLU A 141 10.36 30.76 23.77
CA GLU A 141 9.31 31.77 23.66
C GLU A 141 7.91 31.13 23.69
N ARG A 142 7.73 30.03 22.97
CA ARG A 142 6.45 29.34 22.92
C ARG A 142 6.26 28.34 24.06
N LYS A 143 7.32 28.09 24.84
CA LYS A 143 7.30 27.13 25.96
C LYS A 143 6.86 25.74 25.50
N ALA A 144 7.38 25.30 24.36
CA ALA A 144 6.99 24.01 23.81
C ALA A 144 8.08 23.50 22.88
N PHE A 145 8.01 22.21 22.58
CA PHE A 145 8.83 21.60 21.54
C PHE A 145 8.13 21.70 20.20
N SER A 146 8.92 21.67 19.13
CA SER A 146 8.37 21.70 17.78
C SER A 146 9.39 21.10 16.82
N THR A 147 9.02 21.05 15.55
CA THR A 147 9.90 20.51 14.52
C THR A 147 10.94 21.56 14.13
N LEU A 148 11.91 21.13 13.32
CA LEU A 148 12.97 22.01 12.88
C LEU A 148 12.44 23.05 11.89
N GLU A 149 13.16 24.17 11.81
CA GLU A 149 12.79 25.27 10.93
C GLU A 149 13.88 25.51 9.90
N PHE A 150 13.46 25.91 8.70
CA PHE A 150 14.37 26.22 7.61
C PHE A 150 14.10 27.63 7.10
N ASP A 151 14.95 28.08 6.17
CA ASP A 151 14.86 29.45 5.68
C ASP A 151 13.61 29.66 4.82
N ILE A 152 13.19 28.64 4.08
CA ILE A 152 12.03 28.79 3.19
C ILE A 152 10.75 28.91 4.00
N ASP A 153 10.59 28.07 5.03
CA ASP A 153 9.34 28.00 5.79
C ASP A 153 9.21 29.10 6.84
N ALA A 154 10.00 30.17 6.77
CA ALA A 154 9.83 31.29 7.69
C ALA A 154 8.53 32.02 7.40
N GLU A 155 7.95 32.61 8.45
CA GLU A 155 6.70 33.35 8.31
C GLU A 155 6.83 34.56 7.38
N PRO A 156 7.84 35.42 7.49
CA PRO A 156 8.02 36.43 6.43
C PRO A 156 8.74 35.80 5.24
N LYS A 157 8.15 35.92 4.06
CA LYS A 157 8.74 35.33 2.86
C LYS A 157 10.02 36.07 2.50
N PRO A 158 11.16 35.40 2.42
CA PRO A 158 12.41 36.11 2.12
C PRO A 158 12.44 36.61 0.67
N THR A 159 13.17 37.70 0.48
CA THR A 159 13.38 38.22 -0.87
C THR A 159 14.31 37.31 -1.66
N LEU A 160 14.20 37.39 -2.99
CA LEU A 160 15.04 36.57 -3.86
C LEU A 160 16.51 36.96 -3.76
N SER A 161 16.82 38.19 -3.35
CA SER A 161 18.20 38.63 -3.19
C SER A 161 18.93 37.84 -2.10
N LYS A 162 18.19 37.18 -1.21
CA LYS A 162 18.82 36.26 -0.26
C LYS A 162 19.48 35.09 -0.99
N PHE A 163 18.82 34.59 -2.03
CA PHE A 163 19.36 33.46 -2.79
C PHE A 163 20.24 33.90 -3.96
N GLN A 164 19.90 35.01 -4.62
CA GLN A 164 20.67 35.46 -5.76
C GLN A 164 22.06 35.93 -5.35
N LEU A 165 22.17 36.66 -4.23
CA LEU A 165 23.44 37.20 -3.78
C LEU A 165 24.14 36.29 -2.77
N SER A 166 23.62 35.08 -2.54
CA SER A 166 24.23 34.18 -1.58
C SER A 166 25.59 33.69 -2.07
N ARG A 167 26.55 33.63 -1.16
CA ARG A 167 27.89 33.12 -1.44
C ARG A 167 28.19 31.86 -0.65
N GLY A 168 27.16 31.12 -0.23
CA GLY A 168 27.36 29.96 0.60
C GLY A 168 27.71 30.33 2.03
N ILE A 169 28.34 29.38 2.71
CA ILE A 169 28.81 29.60 4.07
C ILE A 169 30.27 30.01 4.02
N GLU A 170 30.58 31.16 4.60
CA GLU A 170 31.93 31.73 4.55
C GLU A 170 32.69 31.62 5.86
N SER A 171 32.09 31.05 6.91
CA SER A 171 32.73 30.92 8.21
C SER A 171 32.75 29.46 8.64
N GLU A 172 33.92 29.01 9.11
CA GLU A 172 34.04 27.65 9.62
C GLU A 172 33.22 27.45 10.87
N ASP A 173 33.16 28.47 11.74
CA ASP A 173 32.31 28.40 12.92
C ASP A 173 30.85 28.30 12.54
N GLU A 174 30.43 29.04 11.51
CA GLU A 174 29.06 28.93 11.02
C GLU A 174 28.80 27.54 10.44
N LEU A 175 29.80 26.96 9.77
CA LEU A 175 29.65 25.61 9.24
C LEU A 175 29.46 24.60 10.36
N LYS A 176 30.25 24.73 11.44
CA LYS A 176 30.12 23.82 12.58
C LYS A 176 28.78 24.01 13.28
N ARG A 177 28.32 25.27 13.40
CA ARG A 177 27.02 25.53 14.04
C ARG A 177 25.89 24.94 13.22
N LEU A 178 25.94 25.08 11.89
CA LEU A 178 24.91 24.50 11.04
C LEU A 178 24.96 22.97 11.06
N GLU A 179 26.16 22.39 11.17
CA GLU A 179 26.28 20.94 11.31
C GLU A 179 25.69 20.47 12.63
N GLN A 180 25.90 21.22 13.71
CA GLN A 180 25.35 20.84 15.00
C GLN A 180 23.83 20.98 15.03
N HIS A 181 23.31 22.05 14.42
CA HIS A 181 21.87 22.31 14.45
C HIS A 181 21.09 21.25 13.68
N TYR A 182 21.37 21.12 12.39
CA TYR A 182 20.74 20.11 11.56
C TYR A 182 21.50 18.80 11.68
N GLY A 183 21.21 17.84 10.79
CA GLY A 183 21.90 16.57 10.75
C GLY A 183 22.59 16.35 9.42
N THR A 184 23.39 15.29 9.37
CA THR A 184 24.06 14.91 8.13
C THR A 184 23.04 14.41 7.12
N ASN A 185 23.27 14.75 5.84
CA ASN A 185 22.34 14.42 4.77
C ASN A 185 22.44 12.93 4.45
N THR A 186 21.71 12.12 5.22
CA THR A 186 21.67 10.69 5.00
C THR A 186 20.38 10.14 5.59
N PHE A 187 20.03 8.93 5.15
CA PHE A 187 18.85 8.23 5.65
C PHE A 187 19.29 7.25 6.72
N ASP A 188 18.70 7.36 7.91
CA ASP A 188 19.09 6.55 9.06
C ASP A 188 18.13 5.36 9.17
N ILE A 189 18.47 4.28 8.47
CA ILE A 189 17.72 3.03 8.56
C ILE A 189 18.70 1.92 8.92
N PRO A 190 19.10 1.79 10.18
CA PRO A 190 20.10 0.78 10.53
C PRO A 190 19.49 -0.59 10.78
N VAL A 191 19.87 -1.57 9.97
CA VAL A 191 19.38 -2.94 10.21
C VAL A 191 20.12 -3.54 11.42
N PRO A 192 19.43 -4.20 12.33
CA PRO A 192 20.10 -4.79 13.49
C PRO A 192 20.48 -6.24 13.25
N THR A 193 21.33 -6.76 14.13
CA THR A 193 21.78 -8.13 14.06
C THR A 193 20.70 -9.08 14.59
N PHE A 194 20.97 -10.38 14.46
CA PHE A 194 20.00 -11.40 14.87
C PHE A 194 19.73 -11.35 16.36
N THR A 195 20.77 -11.12 17.16
CA THR A 195 20.62 -11.08 18.61
C THR A 195 19.68 -9.97 19.05
N GLU A 196 19.75 -8.81 18.39
CA GLU A 196 18.91 -7.68 18.79
C GLU A 196 17.43 -7.96 18.55
N LEU A 197 17.09 -8.48 17.36
CA LEU A 197 15.70 -8.82 17.10
C LEU A 197 15.23 -9.97 17.98
N PHE A 198 16.10 -10.95 18.27
CA PHE A 198 15.69 -12.04 19.14
C PHE A 198 15.43 -11.56 20.56
N LYS A 199 16.26 -10.63 21.06
CA LYS A 199 16.02 -10.07 22.39
C LYS A 199 14.78 -9.19 22.41
N GLU A 200 14.49 -8.48 21.31
CA GLU A 200 13.29 -7.68 21.23
C GLU A 200 12.03 -8.51 21.06
N HIS A 201 12.16 -9.74 20.57
CA HIS A 201 11.02 -10.63 20.36
C HIS A 201 10.85 -11.66 21.47
N ALA A 202 11.73 -11.67 22.46
CA ALA A 202 11.67 -12.64 23.55
C ALA A 202 10.88 -12.14 24.75
N VAL A 203 10.42 -10.89 24.74
CA VAL A 203 9.63 -10.34 25.83
C VAL A 203 8.20 -10.10 25.41
N ALA A 204 7.80 -10.58 24.23
CA ALA A 204 6.41 -10.53 23.83
C ALA A 204 5.57 -11.42 24.74
N PRO A 205 4.32 -11.05 25.02
CA PRO A 205 3.52 -11.84 25.96
C PRO A 205 3.29 -13.28 25.54
N PHE A 206 3.15 -13.54 24.24
CA PHE A 206 2.83 -14.90 23.80
C PHE A 206 4.03 -15.82 23.85
N PHE A 207 5.24 -15.30 23.59
CA PHE A 207 6.44 -16.11 23.77
C PHE A 207 6.63 -16.48 25.24
N VAL A 208 6.39 -15.53 26.14
CA VAL A 208 6.47 -15.81 27.57
C VAL A 208 5.41 -16.83 27.98
N PHE A 209 4.21 -16.72 27.40
CA PHE A 209 3.16 -17.68 27.69
C PHE A 209 3.54 -19.09 27.21
N GLN A 210 4.16 -19.18 26.03
CA GLN A 210 4.59 -20.49 25.53
C GLN A 210 5.71 -21.07 26.40
N VAL A 211 6.64 -20.24 26.87
CA VAL A 211 7.68 -20.73 27.76
C VAL A 211 7.07 -21.20 29.08
N PHE A 212 6.09 -20.47 29.60
CA PHE A 212 5.41 -20.87 30.82
C PHE A 212 4.67 -22.19 30.64
N CYS A 213 4.02 -22.38 29.49
CA CYS A 213 3.35 -23.65 29.22
C CYS A 213 4.36 -24.80 29.07
N VAL A 214 5.53 -24.50 28.48
CA VAL A 214 6.59 -25.49 28.39
C VAL A 214 7.06 -25.92 29.78
N GLY A 215 7.23 -24.95 30.67
CA GLY A 215 7.58 -25.28 32.05
C GLY A 215 6.51 -26.08 32.76
N LEU A 216 5.25 -25.73 32.52
CA LEU A 216 4.15 -26.47 33.13
C LEU A 216 4.11 -27.92 32.65
N TRP A 217 4.34 -28.15 31.36
CA TRP A 217 4.42 -29.51 30.85
C TRP A 217 5.66 -30.24 31.36
N LEU A 218 6.77 -29.52 31.56
CA LEU A 218 7.99 -30.14 32.06
C LEU A 218 7.84 -30.53 33.52
N LEU A 219 6.98 -29.83 34.27
CA LEU A 219 6.75 -30.17 35.67
C LEU A 219 6.12 -31.54 35.85
N ASP A 220 5.51 -32.11 34.81
CA ASP A 220 4.85 -33.40 34.89
C ASP A 220 5.69 -34.52 34.27
N GLU A 221 7.01 -34.32 34.17
CA GLU A 221 7.95 -35.30 33.61
C GLU A 221 7.61 -35.66 32.16
N TYR A 222 7.24 -34.65 31.36
CA TYR A 222 7.05 -34.82 29.92
C TYR A 222 8.26 -34.20 29.23
N TRP A 223 9.30 -35.00 29.05
CA TRP A 223 10.58 -34.47 28.59
C TRP A 223 10.60 -34.26 27.07
N TYR A 224 10.30 -35.32 26.32
CA TYR A 224 10.40 -35.27 24.85
C TYR A 224 9.40 -34.28 24.25
N TYR A 225 8.18 -34.24 24.79
CA TYR A 225 7.19 -33.29 24.30
C TYR A 225 7.64 -31.85 24.53
N SER A 226 8.19 -31.57 25.72
CA SER A 226 8.67 -30.22 26.01
C SER A 226 9.82 -29.84 25.10
N LEU A 227 10.75 -30.77 24.86
CA LEU A 227 11.86 -30.48 23.95
C LEU A 227 11.36 -30.21 22.54
N PHE A 228 10.39 -31.00 22.07
CA PHE A 228 9.86 -30.81 20.72
C PHE A 228 9.16 -29.47 20.56
N THR A 229 8.32 -29.10 21.53
CA THR A 229 7.62 -27.82 21.39
C THR A 229 8.57 -26.64 21.58
N LEU A 230 9.62 -26.80 22.39
CA LEU A 230 10.62 -25.75 22.51
C LEU A 230 11.36 -25.55 21.19
N VAL A 231 11.71 -26.65 20.52
CA VAL A 231 12.38 -26.56 19.22
C VAL A 231 11.48 -25.89 18.20
N MET A 232 10.20 -26.26 18.18
CA MET A 232 9.26 -25.65 17.23
C MET A 232 9.10 -24.16 17.49
N LEU A 233 8.99 -23.76 18.76
CA LEU A 233 8.89 -22.34 19.08
C LEU A 233 10.14 -21.58 18.67
N VAL A 234 11.32 -22.17 18.90
CA VAL A 234 12.57 -21.50 18.55
C VAL A 234 12.67 -21.30 17.05
N VAL A 235 12.33 -22.33 16.26
CA VAL A 235 12.46 -22.16 14.81
C VAL A 235 11.40 -21.21 14.26
N PHE A 236 10.20 -21.17 14.87
CA PHE A 236 9.20 -20.19 14.45
C PHE A 236 9.68 -18.77 14.70
N GLU A 237 10.25 -18.52 15.88
CA GLU A 237 10.80 -17.19 16.17
C GLU A 237 11.94 -16.85 15.22
N SER A 238 12.77 -17.84 14.90
CA SER A 238 13.89 -17.60 13.98
C SER A 238 13.38 -17.21 12.59
N THR A 239 12.36 -17.88 12.07
CA THR A 239 11.88 -17.53 10.75
C THR A 239 11.16 -16.18 10.74
N VAL A 240 10.48 -15.81 11.85
CA VAL A 240 9.87 -14.49 11.92
C VAL A 240 10.94 -13.40 11.94
N VAL A 241 12.01 -13.61 12.70
CA VAL A 241 13.10 -12.64 12.76
C VAL A 241 13.78 -12.52 11.40
N TRP A 242 13.97 -13.64 10.70
CA TRP A 242 14.58 -13.59 9.37
C TRP A 242 13.71 -12.81 8.38
N GLN A 243 12.38 -13.01 8.43
CA GLN A 243 11.50 -12.26 7.55
C GLN A 243 11.55 -10.77 7.85
N ARG A 244 11.56 -10.40 9.14
CA ARG A 244 11.66 -8.98 9.49
C ARG A 244 12.97 -8.38 9.02
N GLN A 245 14.07 -9.12 9.15
CA GLN A 245 15.37 -8.64 8.70
C GLN A 245 15.41 -8.44 7.19
N ARG A 246 14.82 -9.38 6.45
CA ARG A 246 14.76 -9.24 4.99
C ARG A 246 13.94 -8.02 4.58
N THR A 247 12.81 -7.79 5.26
CA THR A 247 12.00 -6.61 4.98
C THR A 247 12.78 -5.33 5.26
N LEU A 248 13.51 -5.29 6.38
CA LEU A 248 14.28 -4.10 6.72
C LEU A 248 15.40 -3.86 5.71
N THR A 249 16.05 -4.92 5.23
CA THR A 249 17.09 -4.76 4.21
C THR A 249 16.49 -4.25 2.90
N GLU A 250 15.32 -4.77 2.50
CA GLU A 250 14.66 -4.29 1.30
C GLU A 250 14.29 -2.82 1.42
N PHE A 251 13.85 -2.39 2.61
CA PHE A 251 13.55 -0.98 2.82
C PHE A 251 14.82 -0.13 2.82
N ARG A 252 15.92 -0.66 3.37
CA ARG A 252 17.17 0.07 3.42
C ARG A 252 17.73 0.30 2.01
N SER A 253 17.48 -0.63 1.10
CA SER A 253 18.00 -0.49 -0.26
C SER A 253 17.38 0.71 -1.06
N MET A 254 16.53 1.56 -0.47
CA MET A 254 15.94 2.69 -1.19
C MET A 254 16.87 3.90 -1.26
N SER A 255 17.80 4.04 -0.30
CA SER A 255 18.63 5.22 -0.20
C SER A 255 19.60 5.32 -1.37
N ILE A 256 20.22 6.50 -1.50
CA ILE A 256 21.10 6.82 -2.61
C ILE A 256 22.55 6.74 -2.14
N LYS A 257 23.39 6.05 -2.92
CA LYS A 257 24.79 5.93 -2.58
C LYS A 257 25.49 7.27 -2.74
N PRO A 258 26.49 7.55 -1.91
CA PRO A 258 27.22 8.83 -2.02
C PRO A 258 28.02 8.92 -3.31
N TYR A 259 28.10 10.15 -3.82
CA TYR A 259 28.88 10.47 -5.02
C TYR A 259 29.53 11.82 -4.83
N PRO A 260 30.72 12.04 -5.40
CA PRO A 260 31.39 13.33 -5.25
C PRO A 260 30.63 14.46 -5.94
N ILE A 261 30.74 15.66 -5.36
CA ILE A 261 30.10 16.85 -5.90
C ILE A 261 31.02 18.04 -5.65
N TYR A 262 30.74 19.15 -6.34
CA TYR A 262 31.53 20.36 -6.22
C TYR A 262 30.76 21.39 -5.41
N VAL A 263 31.42 21.95 -4.39
CA VAL A 263 30.78 22.81 -3.40
C VAL A 263 31.64 24.06 -3.22
N TYR A 264 31.00 25.23 -3.19
CA TYR A 264 31.71 26.48 -2.93
C TYR A 264 31.73 26.71 -1.42
N ARG A 265 32.90 26.51 -0.81
CA ARG A 265 33.10 26.73 0.61
C ARG A 265 34.34 27.58 0.82
N LEU A 266 34.23 28.54 1.76
CA LEU A 266 35.34 29.42 2.14
C LEU A 266 35.93 30.17 0.95
N GLY A 267 35.10 30.48 -0.05
CA GLY A 267 35.58 31.17 -1.23
C GLY A 267 36.31 30.32 -2.23
N LYS A 268 36.21 28.99 -2.14
CA LYS A 268 36.91 28.12 -3.07
C LYS A 268 36.02 26.92 -3.41
N TRP A 269 36.25 26.35 -4.58
CA TRP A 269 35.53 25.17 -5.03
C TRP A 269 36.25 23.92 -4.55
N THR A 270 35.50 23.03 -3.88
CA THR A 270 36.07 21.85 -3.26
C THR A 270 35.22 20.64 -3.59
N GLU A 271 35.87 19.49 -3.77
CA GLU A 271 35.19 18.23 -4.05
C GLU A 271 34.78 17.60 -2.72
N ILE A 272 33.48 17.54 -2.45
CA ILE A 272 32.92 17.08 -1.19
C ILE A 272 31.94 15.97 -1.48
N GLN A 273 31.91 14.95 -0.60
CA GLN A 273 30.95 13.87 -0.71
C GLN A 273 29.52 14.39 -0.58
N SER A 274 28.58 13.58 -1.05
CA SER A 274 27.18 13.99 -1.09
C SER A 274 26.56 14.06 0.30
N ASP A 275 27.00 13.20 1.23
CA ASP A 275 26.37 13.13 2.54
C ASP A 275 26.73 14.29 3.45
N LYS A 276 27.70 15.14 3.07
CA LYS A 276 28.16 16.22 3.91
C LYS A 276 27.51 17.55 3.55
N LEU A 277 26.41 17.54 2.80
CA LEU A 277 25.74 18.76 2.40
C LEU A 277 24.92 19.34 3.55
N LEU A 278 24.90 20.67 3.62
CA LEU A 278 24.24 21.43 4.67
C LEU A 278 23.35 22.49 4.06
N PRO A 279 22.31 22.93 4.77
CA PRO A 279 21.48 24.03 4.27
C PRO A 279 22.28 25.32 4.13
N GLY A 280 21.95 26.09 3.09
CA GLY A 280 22.67 27.30 2.77
C GLY A 280 23.89 27.11 1.89
N ASP A 281 24.21 25.86 1.53
CA ASP A 281 25.39 25.58 0.72
C ASP A 281 25.14 25.97 -0.73
N LEU A 282 26.23 26.21 -1.46
CA LEU A 282 26.19 26.54 -2.88
C LEU A 282 26.88 25.43 -3.65
N VAL A 283 26.10 24.61 -4.35
CA VAL A 283 26.62 23.43 -5.01
C VAL A 283 26.55 23.62 -6.52
N SER A 284 27.33 22.81 -7.23
CA SER A 284 27.30 22.78 -8.69
C SER A 284 26.63 21.48 -9.12
N VAL A 285 25.39 21.59 -9.59
CA VAL A 285 24.66 20.43 -10.07
C VAL A 285 25.08 20.16 -11.52
N THR A 286 25.20 18.88 -11.86
CA THR A 286 25.64 18.46 -13.18
C THR A 286 24.80 17.27 -13.61
N ARG A 287 25.23 16.60 -14.68
CA ARG A 287 24.53 15.42 -15.17
C ARG A 287 24.71 14.27 -14.20
N THR A 288 23.60 13.67 -13.79
CA THR A 288 23.66 12.57 -12.84
C THR A 288 24.16 11.30 -13.53
N LYS A 289 24.67 10.37 -12.72
CA LYS A 289 25.15 9.10 -13.21
C LYS A 289 24.02 8.06 -13.17
N GLU A 290 24.34 6.84 -13.59
CA GLU A 290 23.34 5.77 -13.57
C GLU A 290 23.12 5.29 -12.14
N ASP A 291 21.86 5.03 -11.81
CA ASP A 291 21.42 4.57 -10.49
C ASP A 291 21.86 5.55 -9.39
N SER A 292 21.42 6.79 -9.53
CA SER A 292 21.75 7.85 -8.58
C SER A 292 20.67 8.91 -8.67
N GLY A 293 20.92 10.06 -8.06
CA GLY A 293 19.97 11.16 -8.09
C GLY A 293 20.54 12.36 -7.39
N VAL A 294 19.71 13.41 -7.30
CA VAL A 294 20.12 14.62 -6.61
C VAL A 294 20.18 14.36 -5.12
N ALA A 295 21.16 14.97 -4.45
CA ALA A 295 21.41 14.68 -3.04
C ALA A 295 20.31 15.21 -2.14
N CYS A 296 19.83 16.43 -2.40
CA CYS A 296 18.88 17.08 -1.52
C CYS A 296 18.11 18.13 -2.31
N ASP A 297 17.18 18.79 -1.63
CA ASP A 297 16.33 19.79 -2.29
C ASP A 297 17.13 21.03 -2.65
N MET A 298 16.98 21.50 -3.88
CA MET A 298 17.80 22.56 -4.43
C MET A 298 16.93 23.60 -5.10
N ILE A 299 17.44 24.83 -5.16
CA ILE A 299 16.85 25.90 -5.95
C ILE A 299 17.91 26.43 -6.91
N LEU A 300 17.55 26.53 -8.19
CA LEU A 300 18.51 26.85 -9.26
C LEU A 300 18.68 28.36 -9.34
N VAL A 301 19.80 28.86 -8.81
CA VAL A 301 20.10 30.28 -8.92
C VAL A 301 20.46 30.66 -10.36
N GLU A 302 21.25 29.82 -11.03
CA GLU A 302 21.69 30.12 -12.39
C GLU A 302 21.85 28.81 -13.16
N GLY A 303 21.36 28.80 -14.39
CA GLY A 303 21.46 27.66 -15.28
C GLY A 303 20.11 27.22 -15.80
N THR A 304 20.10 26.06 -16.44
CA THR A 304 18.87 25.47 -16.96
C THR A 304 19.02 23.96 -16.94
N ALA A 305 17.99 23.27 -16.47
CA ALA A 305 18.05 21.82 -16.32
C ALA A 305 16.87 21.18 -17.04
N ILE A 306 17.09 19.96 -17.52
CA ILE A 306 16.05 19.10 -18.04
C ILE A 306 16.06 17.86 -17.17
N VAL A 307 14.98 17.66 -16.40
CA VAL A 307 14.95 16.64 -15.36
C VAL A 307 13.79 15.68 -15.62
N ASN A 308 13.77 14.60 -14.85
CA ASN A 308 12.76 13.55 -14.95
C ASN A 308 12.36 13.12 -13.53
N GLU A 309 11.29 13.72 -13.00
CA GLU A 309 10.82 13.44 -11.65
C GLU A 309 9.98 12.16 -11.66
N ALA A 310 10.67 11.03 -11.78
CA ALA A 310 9.99 9.74 -11.86
C ALA A 310 9.45 9.29 -10.50
N MET A 311 10.23 9.48 -9.44
CA MET A 311 9.86 8.91 -8.14
C MET A 311 8.72 9.69 -7.49
N LEU A 312 8.71 11.01 -7.64
CA LEU A 312 7.72 11.82 -6.95
C LEU A 312 6.34 11.75 -7.59
N SER A 313 6.27 11.50 -8.90
CA SER A 313 4.99 11.53 -9.60
C SER A 313 4.64 10.23 -10.30
N GLY A 314 5.61 9.57 -10.92
CA GLY A 314 5.35 8.38 -11.70
C GLY A 314 5.28 8.58 -13.19
N GLU A 315 5.60 9.78 -13.68
CA GLU A 315 5.57 10.10 -15.10
C GLU A 315 7.00 10.31 -15.59
N SER A 316 7.33 9.72 -16.73
CA SER A 316 8.68 9.79 -17.28
C SER A 316 8.88 10.92 -18.28
N THR A 317 7.88 11.78 -18.47
CA THR A 317 8.03 12.90 -19.39
C THR A 317 8.95 13.95 -18.78
N PRO A 318 10.00 14.36 -19.49
CA PRO A 318 10.95 15.33 -18.91
C PRO A 318 10.32 16.70 -18.74
N LEU A 319 10.85 17.45 -17.77
CA LEU A 319 10.42 18.81 -17.48
C LEU A 319 11.62 19.74 -17.54
N LEU A 320 11.36 21.00 -17.87
CA LEU A 320 12.39 22.02 -18.01
C LEU A 320 12.36 22.93 -16.79
N LYS A 321 13.43 22.91 -16.01
CA LYS A 321 13.58 23.76 -14.83
C LYS A 321 14.46 24.95 -15.19
N ASP A 322 13.92 26.14 -15.00
CA ASP A 322 14.62 27.39 -15.28
C ASP A 322 15.17 27.99 -13.98
N SER A 323 16.08 28.95 -14.15
CA SER A 323 16.75 29.57 -13.01
C SER A 323 15.91 30.74 -12.49
N ILE A 324 16.50 31.51 -11.58
CA ILE A 324 15.86 32.69 -11.00
C ILE A 324 16.73 33.94 -11.21
N GLN A 325 17.74 33.84 -12.07
CA GLN A 325 18.63 34.97 -12.32
C GLN A 325 17.95 36.09 -13.09
N LEU A 326 16.77 35.86 -13.64
CA LEU A 326 16.05 36.86 -14.43
C LEU A 326 15.02 37.62 -13.61
N ARG A 327 14.52 37.03 -12.53
CA ARG A 327 13.47 37.68 -11.76
C ARG A 327 13.99 38.91 -11.04
N PRO A 328 13.16 39.96 -10.90
CA PRO A 328 13.60 41.16 -10.16
C PRO A 328 13.65 40.91 -8.67
N GLY A 329 14.75 40.31 -8.21
CA GLY A 329 14.88 39.89 -6.83
C GLY A 329 15.29 40.95 -5.84
N ASP A 330 15.43 42.20 -6.26
CA ASP A 330 15.84 43.26 -5.35
C ASP A 330 14.77 43.51 -4.28
N ALA A 331 13.49 43.48 -4.66
CA ALA A 331 12.41 43.76 -3.73
C ALA A 331 11.25 42.78 -3.79
N VAL A 332 11.13 41.97 -4.82
CA VAL A 332 9.99 41.08 -4.98
C VAL A 332 10.17 39.87 -4.06
N LEU A 333 9.14 39.60 -3.24
CA LEU A 333 9.18 38.49 -2.30
C LEU A 333 9.02 37.15 -3.03
N GLU A 334 9.37 36.08 -2.32
CA GLU A 334 9.32 34.74 -2.90
C GLU A 334 7.97 34.10 -2.66
N VAL A 335 7.45 33.45 -3.70
CA VAL A 335 6.22 32.67 -3.61
C VAL A 335 6.47 31.34 -4.32
N ASP A 336 5.72 30.32 -3.92
CA ASP A 336 5.85 29.00 -4.52
C ASP A 336 4.87 28.74 -5.65
N GLY A 337 3.82 29.55 -5.77
CA GLY A 337 2.90 29.40 -6.88
C GLY A 337 3.53 29.77 -8.22
N LEU A 338 4.35 30.82 -8.22
CA LEU A 338 4.99 31.28 -9.44
C LEU A 338 6.36 30.65 -9.67
N ASP A 339 7.05 30.26 -8.59
CA ASP A 339 8.39 29.68 -8.69
C ASP A 339 8.37 28.17 -8.58
N LYS A 340 7.31 27.52 -9.05
CA LYS A 340 7.25 26.06 -9.07
C LYS A 340 8.17 25.46 -10.12
N ASN A 341 8.71 26.27 -11.03
CA ASN A 341 9.56 25.78 -12.12
C ASN A 341 11.05 25.93 -11.81
N SER A 342 11.41 26.28 -10.58
CA SER A 342 12.80 26.52 -10.22
C SER A 342 13.19 25.77 -8.95
N LEU A 343 12.59 24.61 -8.70
CA LEU A 343 12.89 23.81 -7.52
C LEU A 343 13.20 22.38 -7.96
N LEU A 344 14.41 21.92 -7.68
CA LEU A 344 14.81 20.54 -7.95
C LEU A 344 14.54 19.70 -6.71
N TRP A 345 13.46 18.92 -6.76
CA TRP A 345 13.13 18.05 -5.63
C TRP A 345 14.12 16.89 -5.55
N GLY A 346 14.36 16.44 -4.33
CA GLY A 346 15.31 15.36 -4.13
C GLY A 346 14.82 14.03 -4.64
N GLY A 347 15.75 13.18 -5.04
CA GLY A 347 15.44 11.85 -5.52
C GLY A 347 15.07 11.77 -6.99
N THR A 348 15.13 12.87 -7.73
CA THR A 348 14.77 12.90 -9.14
C THR A 348 16.03 12.97 -10.00
N LYS A 349 16.10 12.09 -10.99
CA LYS A 349 17.24 12.05 -11.89
C LYS A 349 17.25 13.27 -12.80
N VAL A 350 18.46 13.69 -13.18
CA VAL A 350 18.66 14.86 -14.03
C VAL A 350 19.14 14.37 -15.39
N LEU A 351 18.40 14.74 -16.44
CA LEU A 351 18.74 14.28 -17.79
C LEU A 351 19.82 15.15 -18.43
N GLN A 352 19.61 16.46 -18.48
CA GLN A 352 20.54 17.34 -19.17
C GLN A 352 20.73 18.66 -18.43
N ILE A 353 21.90 19.25 -18.62
CA ILE A 353 22.25 20.56 -18.06
C ILE A 353 22.68 21.47 -19.19
N THR A 354 22.10 22.66 -19.27
CA THR A 354 22.50 23.64 -20.27
C THR A 354 22.56 25.02 -19.62
N HIS A 355 23.44 25.87 -20.16
CA HIS A 355 23.64 27.22 -19.65
C HIS A 355 22.84 28.26 -20.42
N GLY A 356 22.13 27.87 -21.47
CA GLY A 356 21.35 28.81 -22.25
C GLY A 356 22.20 29.72 -23.13
N PRO A 365 27.26 36.01 -13.48
CA PRO A 365 26.56 35.98 -12.21
C PRO A 365 26.56 37.34 -11.50
N ALA A 366 25.49 37.60 -10.74
CA ALA A 366 25.38 38.87 -10.04
C ALA A 366 26.41 39.00 -8.93
N SER A 367 26.68 37.89 -8.22
CA SER A 367 27.60 37.92 -7.09
C SER A 367 29.06 37.89 -7.49
N GLY A 368 29.36 37.70 -8.78
CA GLY A 368 30.73 37.68 -9.23
C GLY A 368 31.50 36.41 -8.90
N ILE A 369 30.80 35.34 -8.52
CA ILE A 369 31.47 34.08 -8.17
C ILE A 369 32.04 33.45 -9.44
N PRO A 370 33.26 32.92 -9.41
CA PRO A 370 33.79 32.23 -10.58
C PRO A 370 33.00 30.97 -10.88
N PRO A 371 32.91 30.58 -12.16
CA PRO A 371 32.11 29.41 -12.51
C PRO A 371 32.75 28.13 -12.00
N PRO A 372 31.95 27.08 -11.76
CA PRO A 372 32.51 25.82 -11.33
C PRO A 372 33.30 25.16 -12.46
N PRO A 373 34.30 24.33 -12.14
CA PRO A 373 35.11 23.73 -13.20
C PRO A 373 34.36 22.72 -14.07
N ASP A 374 33.26 22.14 -13.58
CA ASP A 374 32.56 21.10 -14.30
C ASP A 374 31.51 21.63 -15.27
N ASN A 375 31.38 22.95 -15.39
CA ASN A 375 30.47 23.61 -16.33
C ASN A 375 29.01 23.23 -16.10
N GLY A 376 28.66 22.87 -14.87
CA GLY A 376 27.29 22.59 -14.51
C GLY A 376 26.54 23.85 -14.08
N ALA A 377 25.28 23.64 -13.70
CA ALA A 377 24.49 24.74 -13.18
C ALA A 377 24.77 24.94 -11.70
N MET A 378 24.40 26.12 -11.20
CA MET A 378 24.60 26.46 -9.80
C MET A 378 23.28 26.35 -9.05
N ALA A 379 23.34 25.81 -7.83
CA ALA A 379 22.14 25.61 -7.04
C ALA A 379 22.42 25.89 -5.57
N VAL A 380 21.36 26.21 -4.84
CA VAL A 380 21.43 26.49 -3.41
C VAL A 380 20.60 25.43 -2.69
N VAL A 381 21.19 24.82 -1.66
CA VAL A 381 20.51 23.77 -0.91
C VAL A 381 19.47 24.40 0.00
N THR A 382 18.26 23.81 0.02
CA THR A 382 17.18 24.28 0.87
C THR A 382 16.96 23.37 2.07
N LYS A 383 16.72 22.08 1.86
CA LYS A 383 16.49 21.14 2.93
C LYS A 383 17.37 19.91 2.75
N THR A 384 17.69 19.26 3.86
CA THR A 384 18.56 18.09 3.86
C THR A 384 17.97 17.01 4.77
N GLY A 385 18.41 15.77 4.52
CA GLY A 385 18.05 14.67 5.38
C GLY A 385 16.59 14.24 5.21
N PHE A 386 16.00 13.81 6.32
CA PHE A 386 14.63 13.32 6.34
C PHE A 386 13.59 14.41 6.10
N GLU A 387 13.99 15.68 6.15
CA GLU A 387 13.04 16.78 6.07
C GLU A 387 12.59 17.08 4.64
N THR A 388 13.19 16.45 3.63
CA THR A 388 12.70 16.62 2.27
C THR A 388 11.38 15.89 2.09
N SER A 389 10.71 16.18 0.97
CA SER A 389 9.42 15.55 0.69
C SER A 389 9.55 14.05 0.53
N GLN A 390 10.56 13.60 -0.22
CA GLN A 390 10.83 12.17 -0.33
C GLN A 390 11.27 11.59 1.01
N GLY A 391 12.08 12.34 1.76
CA GLY A 391 12.48 11.89 3.08
C GLY A 391 11.32 11.78 4.05
N SER A 392 10.42 12.76 4.02
CA SER A 392 9.24 12.70 4.88
C SER A 392 8.33 11.55 4.49
N LEU A 393 8.18 11.31 3.18
CA LEU A 393 7.38 10.17 2.73
C LEU A 393 7.99 8.85 3.17
N VAL A 394 9.32 8.73 3.08
CA VAL A 394 10.00 7.51 3.51
C VAL A 394 9.86 7.31 5.01
N ARG A 395 10.00 8.38 5.80
CA ARG A 395 9.88 8.27 7.25
C ARG A 395 8.46 7.88 7.65
N THR A 396 7.45 8.46 7.00
CA THR A 396 6.07 8.04 7.27
C THR A 396 5.82 6.62 6.79
N MET A 397 6.55 6.18 5.76
CA MET A 397 6.38 4.83 5.24
C MET A 397 6.94 3.78 6.19
N ILE A 398 8.11 4.04 6.77
CA ILE A 398 8.82 3.03 7.56
C ILE A 398 8.31 2.99 8.99
N TYR A 399 8.40 4.12 9.70
CA TYR A 399 8.15 4.13 11.14
C TYR A 399 6.70 4.46 11.48
N SER A 400 6.24 5.65 11.07
CA SER A 400 4.92 6.14 11.46
C SER A 400 3.87 5.64 10.48
N THR A 401 3.54 4.36 10.60
CA THR A 401 2.57 3.75 9.71
C THR A 401 1.79 2.67 10.47
N GLU A 402 0.68 2.25 9.86
CA GLU A 402 -0.16 1.22 10.46
C GLU A 402 0.53 -0.13 10.42
N ARG A 403 0.07 -1.03 11.30
CA ARG A 403 0.53 -2.40 11.33
C ARG A 403 -0.53 -3.30 10.68
N VAL A 404 -0.22 -4.60 10.61
CA VAL A 404 -1.06 -5.52 9.85
C VAL A 404 -2.41 -5.71 10.53
N SER A 405 -2.43 -5.92 11.85
CA SER A 405 -3.67 -6.07 12.59
C SER A 405 -4.13 -4.75 13.21
N ALA A 406 -3.29 -4.18 14.08
CA ALA A 406 -3.41 -2.84 14.67
C ALA A 406 -4.58 -2.68 15.64
N ASN A 407 -5.43 -3.69 15.79
CA ASN A 407 -6.50 -3.57 16.78
C ASN A 407 -6.50 -4.71 17.79
N ASN A 408 -6.34 -5.96 17.32
CA ASN A 408 -6.27 -7.16 18.17
C ASN A 408 -7.47 -7.24 19.12
N THR A 409 -8.66 -7.07 18.57
CA THR A 409 -9.90 -7.10 19.35
C THR A 409 -10.70 -8.37 19.13
N GLU A 410 -10.82 -8.81 17.88
CA GLU A 410 -11.62 -10.00 17.60
C GLU A 410 -10.90 -11.27 18.02
N ALA A 411 -9.58 -11.34 17.81
CA ALA A 411 -8.83 -12.52 18.21
C ALA A 411 -8.79 -12.67 19.73
N LEU A 412 -8.59 -11.55 20.45
CA LEU A 412 -8.55 -11.61 21.91
C LEU A 412 -9.91 -11.85 22.53
N LEU A 413 -10.99 -11.77 21.75
CA LEU A 413 -12.29 -12.24 22.20
C LEU A 413 -12.54 -13.69 21.81
N PHE A 414 -11.96 -14.14 20.69
CA PHE A 414 -12.02 -15.54 20.33
C PHE A 414 -11.30 -16.41 21.36
N ILE A 415 -10.18 -15.91 21.87
CA ILE A 415 -9.44 -16.64 22.91
C ILE A 415 -10.30 -16.79 24.16
N LEU A 416 -11.01 -15.72 24.55
CA LEU A 416 -11.90 -15.80 25.71
C LEU A 416 -13.08 -16.73 25.43
N PHE A 417 -13.58 -16.74 24.19
CA PHE A 417 -14.67 -17.63 23.82
C PHE A 417 -14.26 -19.09 23.97
N LEU A 418 -13.03 -19.43 23.57
CA LEU A 418 -12.52 -20.78 23.81
C LEU A 418 -12.28 -21.02 25.30
N LEU A 419 -11.79 -20.02 26.01
CA LEU A 419 -11.48 -20.16 27.43
C LEU A 419 -12.73 -20.37 28.28
N VAL A 420 -13.90 -19.96 27.80
CA VAL A 420 -15.15 -20.25 28.53
C VAL A 420 -15.38 -21.76 28.59
N PHE A 421 -15.27 -22.44 27.44
CA PHE A 421 -15.38 -23.90 27.42
C PHE A 421 -14.28 -24.56 28.22
N ALA A 422 -13.06 -24.02 28.12
CA ALA A 422 -11.95 -24.54 28.91
C ALA A 422 -12.23 -24.45 30.41
N LEU A 423 -12.75 -23.31 30.86
CA LEU A 423 -13.05 -23.12 32.28
C LEU A 423 -14.15 -24.07 32.74
N ALA A 424 -15.18 -24.25 31.91
CA ALA A 424 -16.26 -25.17 32.27
C ALA A 424 -15.74 -26.59 32.43
N ALA A 425 -14.93 -27.05 31.46
CA ALA A 425 -14.38 -28.40 31.55
C ALA A 425 -13.46 -28.57 32.76
N SER A 426 -12.61 -27.57 33.02
CA SER A 426 -11.71 -27.64 34.16
C SER A 426 -12.47 -27.65 35.48
N TRP A 427 -13.53 -26.85 35.59
CA TRP A 427 -14.32 -26.84 36.82
C TRP A 427 -15.02 -28.17 37.04
N TYR A 428 -15.56 -28.79 35.98
CA TYR A 428 -16.18 -30.09 36.14
C TYR A 428 -15.15 -31.14 36.56
N VAL A 429 -13.95 -31.08 35.97
CA VAL A 429 -12.89 -32.01 36.34
C VAL A 429 -12.51 -31.82 37.81
N TRP A 430 -12.38 -30.57 38.25
CA TRP A 430 -12.03 -30.29 39.64
C TRP A 430 -13.10 -30.81 40.60
N ASP A 431 -14.38 -30.60 40.27
CA ASP A 431 -15.44 -31.07 41.16
C ASP A 431 -15.47 -32.60 41.22
N GLU A 432 -15.33 -33.26 40.07
CA GLU A 432 -15.32 -34.72 40.06
C GLU A 432 -14.11 -35.29 40.80
N GLY A 433 -12.96 -34.61 40.73
CA GLY A 433 -11.80 -35.06 41.45
C GLY A 433 -11.88 -34.82 42.94
N VAL A 434 -12.53 -33.73 43.36
CA VAL A 434 -12.65 -33.46 44.79
C VAL A 434 -13.78 -34.26 45.42
N ARG A 435 -14.71 -34.78 44.62
CA ARG A 435 -15.75 -35.63 45.17
C ARG A 435 -15.17 -36.96 45.66
N LYS A 436 -14.25 -37.54 44.90
CA LYS A 436 -13.67 -38.84 45.22
C LYS A 436 -12.38 -38.73 46.04
N ASP A 437 -12.04 -37.52 46.51
CA ASP A 437 -10.91 -37.27 47.39
C ASP A 437 -9.58 -37.69 46.75
N ARG A 438 -9.25 -37.04 45.64
CA ARG A 438 -7.91 -37.14 45.08
C ARG A 438 -6.97 -36.17 45.78
N LYS A 439 -5.68 -36.27 45.45
CA LYS A 439 -4.72 -35.32 45.98
C LYS A 439 -4.93 -33.95 45.35
N ARG A 440 -4.91 -32.91 46.20
CA ARG A 440 -5.29 -31.57 45.75
C ARG A 440 -4.27 -30.99 44.78
N SER A 441 -2.97 -31.25 45.02
CA SER A 441 -1.93 -30.65 44.19
C SER A 441 -1.97 -31.20 42.77
N LYS A 442 -2.08 -32.52 42.62
CA LYS A 442 -2.12 -33.11 41.29
C LYS A 442 -3.39 -32.73 40.55
N LEU A 443 -4.52 -32.63 41.27
CA LEU A 443 -5.77 -32.19 40.65
C LEU A 443 -5.67 -30.75 40.18
N LEU A 444 -5.06 -29.88 40.98
CA LEU A 444 -4.87 -28.49 40.58
C LEU A 444 -3.95 -28.39 39.37
N LEU A 445 -2.88 -29.19 39.34
CA LEU A 445 -1.98 -29.18 38.20
C LEU A 445 -2.69 -29.68 36.93
N ASP A 446 -3.53 -30.72 37.07
CA ASP A 446 -4.28 -31.21 35.92
C ASP A 446 -5.28 -30.17 35.41
N CYS A 447 -5.94 -29.46 36.33
CA CYS A 447 -6.87 -28.41 35.92
C CYS A 447 -6.14 -27.28 35.21
N ILE A 448 -4.96 -26.90 35.72
CA ILE A 448 -4.18 -25.85 35.08
C ILE A 448 -3.70 -26.30 33.69
N LEU A 449 -3.29 -27.57 33.57
CA LEU A 449 -2.86 -28.09 32.29
C LEU A 449 -4.00 -28.14 31.28
N ILE A 450 -5.21 -28.45 31.75
CA ILE A 450 -6.38 -28.42 30.87
C ILE A 450 -6.69 -26.99 30.45
N ILE A 451 -6.57 -26.04 31.37
CA ILE A 451 -6.87 -24.64 31.07
C ILE A 451 -5.88 -24.09 30.04
N THR A 452 -4.59 -24.34 30.24
CA THR A 452 -3.57 -23.73 29.40
C THR A 452 -3.37 -24.41 28.06
N SER A 453 -4.04 -25.54 27.81
CA SER A 453 -3.91 -26.26 26.56
C SER A 453 -4.90 -25.81 25.51
N VAL A 454 -5.71 -24.79 25.79
CA VAL A 454 -6.72 -24.30 24.88
C VAL A 454 -6.25 -23.10 24.08
N VAL A 455 -5.54 -22.18 24.72
CA VAL A 455 -5.13 -20.93 24.09
C VAL A 455 -4.10 -21.22 23.00
N PRO A 456 -4.37 -20.84 21.75
CA PRO A 456 -3.35 -20.96 20.71
C PRO A 456 -2.50 -19.71 20.65
N PRO A 457 -1.17 -19.86 20.69
CA PRO A 457 -0.32 -18.66 20.77
C PRO A 457 -0.23 -17.86 19.50
N GLU A 458 -0.57 -18.42 18.34
CA GLU A 458 -0.45 -17.71 17.08
C GLU A 458 -1.80 -17.31 16.50
N LEU A 459 -2.87 -17.40 17.27
CA LEU A 459 -4.18 -16.97 16.75
C LEU A 459 -4.27 -15.48 16.44
N PRO A 460 -3.78 -14.54 17.27
CA PRO A 460 -3.72 -13.14 16.79
C PRO A 460 -2.83 -12.95 15.58
N MET A 461 -1.81 -13.79 15.42
CA MET A 461 -0.99 -13.83 14.21
C MET A 461 -1.69 -14.63 13.12
N GLU A 462 -0.94 -15.02 12.10
CA GLU A 462 -1.33 -15.76 10.89
C GLU A 462 -2.10 -14.88 9.92
N LEU A 463 -2.26 -13.59 10.20
CA LEU A 463 -2.67 -12.63 9.19
C LEU A 463 -1.47 -11.92 8.59
N SER A 464 -0.40 -11.74 9.37
CA SER A 464 0.80 -11.11 8.86
C SER A 464 1.58 -12.05 7.94
N LEU A 465 1.66 -13.34 8.30
CA LEU A 465 2.41 -14.29 7.49
C LEU A 465 1.76 -14.49 6.12
N ALA A 466 0.42 -14.58 6.09
CA ALA A 466 -0.27 -14.67 4.81
C ALA A 466 -0.07 -13.40 3.99
N VAL A 467 -0.03 -12.25 4.65
CA VAL A 467 0.24 -10.99 3.96
C VAL A 467 1.63 -11.00 3.33
N ASN A 468 2.63 -11.50 4.06
CA ASN A 468 3.99 -11.58 3.53
C ASN A 468 4.08 -12.56 2.36
N THR A 469 3.39 -13.70 2.47
CA THR A 469 3.39 -14.66 1.37
C THR A 469 2.73 -14.07 0.12
N SER A 470 1.60 -13.36 0.30
CA SER A 470 0.96 -12.70 -0.83
C SER A 470 1.82 -11.58 -1.38
N LEU A 471 2.60 -10.91 -0.53
CA LEU A 471 3.51 -9.88 -1.00
C LEU A 471 4.60 -10.46 -1.88
N SER A 472 5.15 -11.62 -1.49
CA SER A 472 6.14 -12.29 -2.34
C SER A 472 5.51 -12.74 -3.65
N ALA A 473 4.30 -13.30 -3.59
CA ALA A 473 3.62 -13.74 -4.81
C ALA A 473 3.32 -12.57 -5.74
N LEU A 474 3.00 -11.40 -5.18
CA LEU A 474 2.77 -10.20 -5.99
C LEU A 474 4.07 -9.67 -6.56
N ALA A 475 5.15 -9.71 -5.78
CA ALA A 475 6.45 -9.25 -6.26
C ALA A 475 6.99 -10.15 -7.36
N LYS A 476 6.49 -11.39 -7.42
CA LYS A 476 6.79 -12.24 -8.58
C LYS A 476 6.29 -11.63 -9.87
N PHE A 477 5.13 -10.99 -9.85
CA PHE A 477 4.53 -10.36 -11.02
C PHE A 477 5.00 -8.94 -11.26
N ALA A 478 6.17 -8.58 -10.73
CA ALA A 478 6.75 -7.23 -10.86
C ALA A 478 5.80 -6.15 -10.33
N ILE A 479 5.13 -6.45 -9.22
CA ILE A 479 4.26 -5.51 -8.53
C ILE A 479 4.78 -5.38 -7.10
N PHE A 480 5.11 -4.15 -6.70
CA PHE A 480 5.71 -3.90 -5.40
C PHE A 480 4.74 -3.13 -4.52
N CYS A 481 4.72 -3.50 -3.24
CA CYS A 481 3.86 -2.87 -2.25
C CYS A 481 4.72 -2.26 -1.14
N THR A 482 4.36 -1.07 -0.70
CA THR A 482 5.09 -0.35 0.33
C THR A 482 4.39 -0.36 1.68
N GLU A 483 3.06 -0.41 1.70
CA GLU A 483 2.29 -0.46 2.95
C GLU A 483 1.56 -1.80 3.02
N PRO A 484 2.06 -2.76 3.79
CA PRO A 484 1.46 -4.11 3.78
C PRO A 484 0.08 -4.18 4.42
N PHE A 485 -0.33 -3.16 5.17
CA PHE A 485 -1.62 -3.23 5.85
C PHE A 485 -2.81 -2.97 4.94
N ARG A 486 -2.57 -2.58 3.69
CA ARG A 486 -3.64 -2.37 2.74
C ARG A 486 -3.98 -3.63 1.93
N ILE A 487 -3.23 -4.71 2.12
CA ILE A 487 -3.53 -5.95 1.40
C ILE A 487 -4.88 -6.55 1.80
N PRO A 488 -5.25 -6.65 3.08
CA PRO A 488 -6.63 -7.11 3.39
C PRO A 488 -7.71 -6.18 2.86
N PHE A 489 -7.40 -4.88 2.72
CA PHE A 489 -8.37 -3.94 2.15
C PHE A 489 -8.70 -4.29 0.71
N ALA A 490 -7.77 -4.94 0.00
CA ALA A 490 -8.04 -5.40 -1.35
C ALA A 490 -8.98 -6.59 -1.40
N GLY A 491 -9.27 -7.22 -0.26
CA GLY A 491 -10.19 -8.34 -0.25
C GLY A 491 -11.66 -7.99 -0.22
N ARG A 492 -12.00 -6.70 -0.12
CA ARG A 492 -13.39 -6.29 -0.04
C ARG A 492 -13.69 -5.04 -0.86
N ILE A 493 -12.88 -4.76 -1.89
CA ILE A 493 -13.05 -3.55 -2.67
C ILE A 493 -14.36 -3.61 -3.46
N ASP A 494 -15.17 -2.56 -3.33
CA ASP A 494 -16.47 -2.50 -4.00
C ASP A 494 -16.51 -1.57 -5.20
N VAL A 495 -15.66 -0.55 -5.24
CA VAL A 495 -15.62 0.42 -6.33
C VAL A 495 -14.18 0.56 -6.80
N ALA A 496 -13.98 0.42 -8.11
CA ALA A 496 -12.67 0.58 -8.73
C ALA A 496 -12.70 1.78 -9.65
N CYS A 497 -11.79 2.72 -9.46
CA CYS A 497 -11.70 3.94 -10.26
C CYS A 497 -10.51 3.83 -11.20
N PHE A 498 -10.67 4.39 -12.41
CA PHE A 498 -9.63 4.32 -13.44
C PHE A 498 -9.45 5.70 -14.06
N ASP A 499 -8.40 5.80 -14.88
CA ASP A 499 -8.05 7.04 -15.57
C ASP A 499 -7.92 6.75 -17.06
N LYS A 500 -8.23 7.77 -17.87
CA LYS A 500 -8.26 7.58 -19.32
C LYS A 500 -6.88 7.75 -19.96
N THR A 501 -6.27 8.93 -19.80
CA THR A 501 -5.02 9.23 -20.48
C THR A 501 -3.85 8.68 -19.68
N GLY A 502 -3.11 7.76 -20.29
CA GLY A 502 -1.93 7.17 -19.69
C GLY A 502 -2.14 5.82 -19.05
N THR A 503 -3.39 5.46 -18.75
CA THR A 503 -3.70 4.18 -18.12
C THR A 503 -4.44 3.23 -19.06
N LEU A 504 -5.58 3.65 -19.61
CA LEU A 504 -6.35 2.83 -20.52
C LEU A 504 -6.06 3.12 -21.98
N THR A 505 -5.11 4.00 -22.27
CA THR A 505 -4.75 4.35 -23.64
C THR A 505 -3.26 4.12 -23.85
N GLY A 506 -2.91 3.76 -25.08
CA GLY A 506 -1.53 3.48 -25.40
C GLY A 506 -0.68 4.74 -25.47
N GLU A 507 0.64 4.52 -25.44
CA GLU A 507 1.59 5.62 -25.48
C GLU A 507 1.93 6.05 -26.90
N ASP A 508 1.87 5.13 -27.87
CA ASP A 508 2.19 5.44 -29.26
C ASP A 508 0.93 5.93 -29.96
N LEU A 509 0.90 7.20 -30.33
CA LEU A 509 -0.23 7.81 -31.01
C LEU A 509 0.02 7.87 -32.51
N VAL A 510 -1.07 8.07 -33.25
CA VAL A 510 -1.02 8.17 -34.70
C VAL A 510 -1.66 9.51 -35.10
N VAL A 511 -0.99 10.25 -35.97
CA VAL A 511 -1.48 11.55 -36.41
C VAL A 511 -2.49 11.33 -37.53
N GLU A 512 -3.78 11.52 -37.23
CA GLU A 512 -4.80 11.32 -38.25
C GLU A 512 -4.77 12.44 -39.29
N GLY A 513 -4.68 13.69 -38.86
CA GLY A 513 -4.52 14.76 -39.81
C GLY A 513 -4.86 16.11 -39.21
N ILE A 514 -5.06 17.09 -40.11
CA ILE A 514 -5.38 18.47 -39.77
C ILE A 514 -6.63 18.87 -40.53
N ALA A 515 -7.58 19.49 -39.83
CA ALA A 515 -8.83 19.93 -40.41
C ALA A 515 -9.12 21.37 -40.01
N GLY A 516 -10.17 21.93 -40.61
CA GLY A 516 -10.64 23.25 -40.24
C GLY A 516 -9.77 24.40 -40.69
N LEU A 517 -8.80 24.16 -41.57
CA LEU A 517 -7.91 25.23 -42.01
C LEU A 517 -8.59 26.18 -42.99
N GLY A 518 -9.68 25.77 -43.63
CA GLY A 518 -10.37 26.60 -44.58
C GLY A 518 -11.81 26.91 -44.18
N THR A 526 -16.05 22.83 -49.91
CA THR A 526 -15.85 21.89 -48.82
C THR A 526 -17.13 21.11 -48.51
N PRO A 527 -16.99 19.80 -48.31
CA PRO A 527 -18.16 19.00 -47.92
C PRO A 527 -18.72 19.44 -46.58
N LYS A 528 -20.04 19.38 -46.45
CA LYS A 528 -20.71 19.84 -45.25
C LYS A 528 -21.91 18.94 -44.97
N GLU A 529 -22.08 18.57 -43.70
CA GLU A 529 -23.19 17.71 -43.29
C GLU A 529 -24.43 18.57 -43.02
N ALA A 530 -25.46 17.95 -42.45
CA ALA A 530 -26.70 18.67 -42.17
C ALA A 530 -26.52 19.67 -41.03
N ASP A 531 -25.72 19.32 -40.02
CA ASP A 531 -25.51 20.19 -38.88
C ASP A 531 -24.52 21.31 -39.15
N GLY A 532 -23.86 21.31 -40.30
CA GLY A 532 -22.88 22.31 -40.63
C GLY A 532 -21.43 21.91 -40.42
N ALA A 533 -21.19 20.68 -39.97
CA ALA A 533 -19.82 20.22 -39.75
C ALA A 533 -19.11 20.00 -41.07
N HIS A 534 -17.81 20.30 -41.09
CA HIS A 534 -16.98 20.13 -42.28
C HIS A 534 -16.22 18.82 -42.17
N THR A 535 -16.40 17.96 -43.17
CA THR A 535 -15.76 16.64 -43.19
C THR A 535 -14.47 16.64 -44.01
N ARG A 536 -13.88 17.80 -44.24
CA ARG A 536 -12.65 17.88 -45.04
C ARG A 536 -11.48 17.30 -44.26
N MET A 537 -10.71 16.43 -44.92
CA MET A 537 -9.60 15.71 -44.29
C MET A 537 -8.34 16.07 -45.08
N VAL A 538 -7.49 16.90 -44.48
CA VAL A 538 -6.28 17.42 -45.14
C VAL A 538 -5.07 16.78 -44.50
N SER A 539 -4.19 16.22 -45.33
CA SER A 539 -3.01 15.51 -44.85
C SER A 539 -1.99 16.50 -44.28
N VAL A 540 -1.03 15.95 -43.54
CA VAL A 540 -0.02 16.78 -42.87
C VAL A 540 0.93 17.41 -43.88
N HIS A 541 1.27 16.68 -44.95
CA HIS A 541 2.27 17.16 -45.90
C HIS A 541 1.82 18.43 -46.61
N ASP A 542 0.56 18.50 -47.02
CA ASP A 542 0.00 19.69 -47.65
C ASP A 542 -0.83 20.43 -46.60
N ALA A 543 -0.29 21.54 -46.10
CA ALA A 543 -0.95 22.31 -45.06
C ALA A 543 -0.59 23.78 -45.24
N GLY A 544 -1.17 24.62 -44.39
CA GLY A 544 -0.94 26.04 -44.47
C GLY A 544 0.42 26.45 -43.93
N MET A 545 0.78 27.69 -44.23
CA MET A 545 2.03 28.26 -43.73
C MET A 545 2.01 28.38 -42.21
N GLU A 546 0.98 29.02 -41.67
CA GLU A 546 0.90 29.24 -40.24
C GLU A 546 0.66 27.94 -39.48
N THR A 547 -0.11 27.02 -40.07
CA THR A 547 -0.36 25.73 -39.41
C THR A 547 0.93 24.93 -39.28
N THR A 548 1.71 24.85 -40.36
CA THR A 548 2.99 24.15 -40.29
C THR A 548 3.95 24.83 -39.33
N LEU A 549 3.99 26.17 -39.36
CA LEU A 549 4.90 26.89 -38.48
C LEU A 549 4.53 26.70 -37.00
N VAL A 550 3.23 26.75 -36.68
CA VAL A 550 2.82 26.56 -35.30
C VAL A 550 2.94 25.10 -34.87
N LEU A 551 2.88 24.16 -35.81
CA LEU A 551 3.22 22.78 -35.48
C LEU A 551 4.71 22.65 -35.15
N ALA A 552 5.55 23.40 -35.87
CA ALA A 552 6.99 23.33 -35.64
C ALA A 552 7.38 23.96 -34.30
N THR A 553 6.86 25.15 -34.01
CA THR A 553 7.32 25.91 -32.85
C THR A 553 6.62 25.49 -31.55
N ALA A 554 5.29 25.40 -31.55
CA ALA A 554 4.53 25.17 -30.32
C ALA A 554 4.69 23.71 -29.89
N HIS A 555 5.78 23.46 -29.16
CA HIS A 555 6.09 22.13 -28.68
C HIS A 555 7.04 22.24 -27.49
N ALA A 556 6.92 21.29 -26.57
CA ALA A 556 7.75 21.25 -25.37
C ALA A 556 8.80 20.14 -25.43
N LEU A 557 8.98 19.51 -26.58
CA LEU A 557 9.95 18.42 -26.72
C LEU A 557 11.37 18.99 -26.75
N VAL A 558 12.32 18.17 -26.31
CA VAL A 558 13.72 18.57 -26.25
C VAL A 558 14.57 17.47 -26.88
N LYS A 559 15.78 17.84 -27.28
CA LYS A 559 16.74 16.92 -27.89
C LYS A 559 17.97 16.82 -27.00
N LEU A 560 18.35 15.60 -26.65
CA LEU A 560 19.54 15.38 -25.85
C LEU A 560 20.80 15.61 -26.67
N ASP A 561 21.90 15.93 -25.97
CA ASP A 561 23.17 16.13 -26.64
C ASP A 561 23.74 14.82 -27.19
N GLU A 562 23.35 13.68 -26.61
CA GLU A 562 23.82 12.40 -27.12
C GLU A 562 23.18 12.07 -28.47
N GLY A 563 21.93 12.47 -28.68
CA GLY A 563 21.26 12.22 -29.93
C GLY A 563 19.91 11.56 -29.78
N GLU A 564 19.39 11.53 -28.56
CA GLU A 564 18.10 10.93 -28.27
C GLU A 564 17.02 12.00 -28.22
N ILE A 565 15.78 11.57 -28.49
CA ILE A 565 14.62 12.46 -28.51
C ILE A 565 13.66 12.00 -27.42
N VAL A 566 13.32 12.91 -26.51
CA VAL A 566 12.40 12.61 -25.41
C VAL A 566 11.41 13.75 -25.27
N GLY A 567 10.30 13.47 -24.61
CA GLY A 567 9.27 14.45 -24.36
C GLY A 567 7.90 13.79 -24.40
N ASP A 568 6.89 14.62 -24.63
CA ASP A 568 5.53 14.13 -24.72
C ASP A 568 5.35 13.31 -26.00
N PRO A 569 4.79 12.10 -25.92
CA PRO A 569 4.65 11.26 -27.13
C PRO A 569 3.82 11.88 -28.22
N MET A 570 2.84 12.72 -27.87
CA MET A 570 2.07 13.44 -28.90
C MET A 570 2.97 14.37 -29.70
N GLU A 571 3.90 15.04 -29.04
CA GLU A 571 4.85 15.90 -29.74
C GLU A 571 5.78 15.08 -30.63
N LYS A 572 6.18 13.89 -30.17
CA LYS A 572 6.98 12.99 -31.00
C LYS A 572 6.20 12.58 -32.25
N ALA A 573 4.91 12.25 -32.09
CA ALA A 573 4.11 11.84 -33.23
C ALA A 573 3.92 12.98 -34.22
N THR A 574 3.65 14.19 -33.73
CA THR A 574 3.43 15.30 -34.65
C THR A 574 4.75 15.77 -35.30
N LEU A 575 5.88 15.57 -34.62
CA LEU A 575 7.16 15.89 -35.25
C LEU A 575 7.54 14.85 -36.31
N ASN A 576 7.23 13.58 -36.05
CA ASN A 576 7.44 12.56 -37.06
C ASN A 576 6.54 12.78 -38.28
N ALA A 577 5.30 13.20 -38.04
CA ALA A 577 4.40 13.51 -39.16
C ALA A 577 4.84 14.76 -39.89
N LEU A 578 5.40 15.74 -39.18
CA LEU A 578 5.83 16.98 -39.83
C LEU A 578 7.01 16.74 -40.76
N GLY A 579 7.97 15.92 -40.34
CA GLY A 579 9.12 15.62 -41.15
C GLY A 579 10.32 16.53 -40.94
N TRP A 580 10.20 17.55 -40.10
CA TRP A 580 11.31 18.45 -39.87
C TRP A 580 12.39 17.78 -39.02
N VAL A 581 13.57 18.39 -39.03
CA VAL A 581 14.74 17.87 -38.31
C VAL A 581 15.15 18.89 -37.25
N LEU A 582 15.43 18.40 -36.05
CA LEU A 582 15.77 19.26 -34.93
C LEU A 582 17.17 19.87 -35.11
N GLY A 583 17.55 20.71 -34.14
CA GLY A 583 18.86 21.32 -34.15
C GLY A 583 19.48 21.27 -32.76
N LYS A 584 20.77 21.60 -32.71
CA LYS A 584 21.49 21.55 -31.45
C LYS A 584 21.06 22.67 -30.50
N ASN A 585 20.94 23.89 -31.02
CA ASN A 585 20.58 25.04 -30.19
C ASN A 585 19.08 25.29 -30.21
N ASP A 586 18.34 24.26 -29.80
CA ASP A 586 16.87 24.21 -29.66
C ASP A 586 16.13 24.87 -30.82
N THR A 587 16.62 24.69 -32.03
CA THR A 587 16.02 25.29 -33.22
C THR A 587 15.48 24.20 -34.14
N LEU A 588 14.47 24.57 -34.92
CA LEU A 588 13.89 23.67 -35.92
C LEU A 588 14.14 24.23 -37.31
N THR A 589 14.48 23.35 -38.24
CA THR A 589 14.79 23.79 -39.60
C THR A 589 14.47 22.68 -40.59
N SER A 590 14.11 23.10 -41.80
CA SER A 590 13.92 22.20 -42.93
C SER A 590 14.47 22.81 -44.22
N LYS A 591 15.47 23.69 -44.09
CA LYS A 591 16.00 24.40 -45.25
C LYS A 591 16.61 23.50 -46.33
N PRO A 592 17.38 22.44 -46.02
CA PRO A 592 17.81 21.53 -47.10
C PRO A 592 16.61 20.87 -47.79
N GLY A 593 16.75 20.66 -49.09
CA GLY A 593 15.68 20.12 -49.91
C GLY A 593 15.26 18.71 -49.54
N ASN A 594 14.03 18.59 -49.02
CA ASN A 594 13.47 17.30 -48.63
C ASN A 594 12.11 17.14 -49.30
N ALA A 595 11.90 15.98 -49.93
CA ALA A 595 10.62 15.71 -50.60
C ALA A 595 9.50 15.41 -49.61
N ALA A 596 9.84 15.08 -48.36
CA ALA A 596 8.81 14.77 -47.36
C ALA A 596 8.03 16.02 -46.97
N SER A 597 8.72 17.15 -46.81
CA SER A 597 8.04 18.39 -46.43
C SER A 597 7.24 18.96 -47.60
N SER A 598 7.94 19.31 -48.69
CA SER A 598 7.34 19.82 -49.92
C SER A 598 6.50 21.08 -49.65
N GLY A 599 7.19 22.14 -49.26
CA GLY A 599 6.50 23.36 -48.88
C GLY A 599 7.33 24.31 -48.04
N ILE A 600 6.77 24.70 -46.88
CA ILE A 600 7.39 25.72 -46.03
C ILE A 600 8.76 25.25 -45.55
N LEU A 601 9.76 26.11 -45.69
CA LEU A 601 11.11 25.80 -45.25
C LEU A 601 11.75 27.04 -44.66
N GLY A 602 12.74 26.84 -43.82
CA GLY A 602 13.42 27.93 -43.15
C GLY A 602 13.91 27.47 -41.79
N THR A 603 13.79 28.36 -40.80
CA THR A 603 14.17 27.98 -39.44
C THR A 603 13.35 28.77 -38.43
N VAL A 604 13.25 28.20 -37.23
CA VAL A 604 12.59 28.83 -36.09
C VAL A 604 13.43 28.56 -34.85
N GLN A 605 13.55 29.57 -33.99
CA GLN A 605 14.30 29.48 -32.75
C GLN A 605 13.39 29.86 -31.61
N ILE A 606 13.15 28.93 -30.68
CA ILE A 606 12.26 29.17 -29.56
C ILE A 606 12.99 30.02 -28.52
N LYS A 607 12.32 31.06 -28.03
CA LYS A 607 12.89 31.95 -27.03
C LYS A 607 12.32 31.69 -25.63
N ARG A 608 11.00 31.55 -25.53
CA ARG A 608 10.34 31.30 -24.25
C ARG A 608 9.35 30.16 -24.41
N ARG A 609 9.28 29.29 -23.41
CA ARG A 609 8.34 28.19 -23.36
C ARG A 609 7.52 28.28 -22.09
N PHE A 610 6.22 28.03 -22.22
CA PHE A 610 5.27 28.13 -21.10
C PHE A 610 4.77 26.73 -20.77
N GLN A 611 4.90 26.34 -19.51
CA GLN A 611 4.64 24.96 -19.09
C GLN A 611 3.14 24.71 -18.96
N PHE A 612 2.74 23.50 -19.38
CA PHE A 612 1.36 23.06 -19.24
C PHE A 612 0.99 22.92 -17.76
N SER A 613 -0.24 23.31 -17.43
CA SER A 613 -0.80 23.11 -16.10
C SER A 613 -2.25 22.66 -16.24
N SER A 614 -2.75 21.99 -15.21
CA SER A 614 -4.08 21.42 -15.25
C SER A 614 -5.19 22.48 -15.17
N ALA A 615 -4.84 23.74 -14.89
CA ALA A 615 -5.84 24.79 -14.76
C ALA A 615 -6.01 25.62 -16.04
N LEU A 616 -4.99 25.69 -16.89
CA LEU A 616 -5.04 26.51 -18.08
C LEU A 616 -5.29 25.73 -19.36
N LYS A 617 -4.77 24.50 -19.45
CA LYS A 617 -4.97 23.60 -20.59
C LYS A 617 -4.54 24.25 -21.92
N ARG A 618 -3.36 24.86 -21.91
CA ARG A 618 -2.87 25.55 -23.10
C ARG A 618 -1.35 25.60 -23.10
N GLN A 619 -0.78 25.61 -24.29
CA GLN A 619 0.64 25.83 -24.51
C GLN A 619 0.81 27.11 -25.33
N SER A 620 1.70 27.98 -24.89
CA SER A 620 2.02 29.20 -25.62
C SER A 620 3.53 29.32 -25.74
N SER A 621 4.02 29.50 -26.96
CA SER A 621 5.45 29.57 -27.21
C SER A 621 5.77 30.78 -28.09
N VAL A 622 6.88 31.44 -27.77
CA VAL A 622 7.36 32.61 -28.51
C VAL A 622 8.65 32.22 -29.23
N ALA A 623 8.77 32.63 -30.48
CA ALA A 623 9.92 32.23 -31.28
C ALA A 623 10.30 33.32 -32.26
N THR A 624 11.54 33.25 -32.72
CA THR A 624 12.03 34.04 -33.83
C THR A 624 12.01 33.17 -35.07
N ILE A 625 11.25 33.58 -36.08
CA ILE A 625 10.94 32.76 -37.24
C ILE A 625 11.53 33.40 -38.49
N THR A 626 12.01 32.56 -39.40
CA THR A 626 12.29 32.95 -40.79
C THR A 626 11.77 31.80 -41.64
N ALA A 627 10.57 31.97 -42.18
CA ALA A 627 9.87 30.93 -42.94
C ALA A 627 9.58 31.43 -44.35
N THR A 628 9.84 30.58 -45.33
CA THR A 628 9.68 30.89 -46.75
C THR A 628 8.86 29.78 -47.39
N GLU A 629 7.98 30.17 -48.32
CA GLU A 629 7.19 29.24 -49.10
C GLU A 629 7.65 29.30 -50.55
N VAL A 630 8.07 28.15 -51.09
CA VAL A 630 8.55 28.12 -52.47
C VAL A 630 7.42 28.31 -53.46
N LYS A 631 6.21 27.85 -53.13
CA LYS A 631 5.12 27.83 -54.09
C LYS A 631 4.62 29.24 -54.41
N THR A 632 4.36 30.05 -53.38
CA THR A 632 3.73 31.35 -53.57
C THR A 632 4.49 32.51 -52.93
N GLY A 633 5.64 32.26 -52.31
CA GLY A 633 6.37 33.33 -51.65
C GLY A 633 5.90 33.58 -50.23
N ARG A 634 5.16 34.67 -50.05
CA ARG A 634 4.61 35.14 -48.76
C ARG A 634 5.62 34.97 -47.61
N LYS A 635 6.74 35.67 -47.76
CA LYS A 635 7.87 35.54 -46.85
C LYS A 635 7.47 35.99 -45.45
N LEU A 636 7.91 35.25 -44.43
CA LEU A 636 7.59 35.59 -43.05
C LEU A 636 8.87 35.63 -42.22
N ARG A 637 9.03 36.71 -41.45
CA ARG A 637 10.19 36.87 -40.59
C ARG A 637 9.77 37.59 -39.31
N GLY A 638 10.52 37.35 -38.25
CA GLY A 638 10.41 38.12 -37.03
C GLY A 638 9.86 37.32 -35.86
N SER A 639 9.36 38.05 -34.86
CA SER A 639 8.81 37.42 -33.68
C SER A 639 7.44 36.82 -33.98
N PHE A 640 7.12 35.73 -33.28
CA PHE A 640 5.87 35.02 -33.49
C PHE A 640 5.49 34.30 -32.21
N VAL A 641 4.19 34.08 -32.01
CA VAL A 641 3.68 33.36 -30.86
C VAL A 641 2.66 32.33 -31.34
N GLY A 642 2.76 31.12 -30.83
CA GLY A 642 1.83 30.05 -31.19
C GLY A 642 1.24 29.41 -29.96
N VAL A 643 -0.05 29.10 -30.04
CA VAL A 643 -0.79 28.55 -28.90
C VAL A 643 -1.55 27.32 -29.35
N LYS A 644 -1.55 26.29 -28.51
CA LYS A 644 -2.28 25.06 -28.77
C LYS A 644 -3.03 24.65 -27.51
N GLY A 645 -4.08 23.87 -27.70
CA GLY A 645 -4.78 23.34 -26.54
C GLY A 645 -6.24 22.97 -26.74
N ALA A 646 -7.04 23.16 -25.70
CA ALA A 646 -8.45 22.87 -25.78
C ALA A 646 -9.17 23.91 -26.65
N PRO A 647 -10.18 23.50 -27.42
CA PRO A 647 -10.90 24.46 -28.26
C PRO A 647 -11.62 25.55 -27.48
N GLU A 648 -12.13 25.24 -26.29
CA GLU A 648 -12.92 26.21 -25.53
C GLU A 648 -12.06 27.39 -25.09
N THR A 649 -10.82 27.13 -24.66
CA THR A 649 -9.91 28.21 -24.32
C THR A 649 -9.56 29.05 -25.54
N ILE A 650 -9.45 28.41 -26.71
CA ILE A 650 -9.21 29.15 -27.95
C ILE A 650 -10.38 30.07 -28.27
N MET A 651 -11.62 29.60 -28.10
CA MET A 651 -12.78 30.48 -28.24
C MET A 651 -12.75 31.60 -27.22
N LYS A 652 -12.28 31.32 -26.00
CA LYS A 652 -12.11 32.38 -25.01
C LYS A 652 -11.05 33.40 -25.43
N MET A 653 -10.09 33.01 -26.26
CA MET A 653 -9.08 33.93 -26.76
C MET A 653 -9.09 34.07 -28.28
N LEU A 654 -10.25 33.91 -28.92
CA LEU A 654 -10.36 34.10 -30.36
C LEU A 654 -10.87 35.50 -30.67
N VAL A 655 -10.25 36.15 -31.66
CA VAL A 655 -10.72 37.44 -32.11
C VAL A 655 -11.78 37.33 -33.20
N THR A 656 -11.84 36.20 -33.91
CA THR A 656 -12.85 35.96 -34.94
C THR A 656 -13.36 34.55 -34.79
N VAL A 657 -14.57 34.40 -34.28
CA VAL A 657 -15.19 33.10 -34.06
C VAL A 657 -15.67 32.55 -35.40
N PRO A 658 -15.19 31.38 -35.82
CA PRO A 658 -15.70 30.78 -37.07
C PRO A 658 -17.14 30.34 -36.93
N GLU A 659 -17.86 30.37 -38.05
CA GLU A 659 -19.27 30.00 -38.06
C GLU A 659 -19.48 28.49 -38.09
N HIS A 660 -18.44 27.69 -38.29
CA HIS A 660 -18.54 26.24 -38.33
C HIS A 660 -17.53 25.61 -37.39
N TYR A 661 -17.32 26.22 -36.23
CA TYR A 661 -16.36 25.72 -35.26
C TYR A 661 -16.94 24.60 -34.41
N GLU A 662 -18.02 24.90 -33.68
CA GLU A 662 -18.53 23.98 -32.67
C GLU A 662 -19.09 22.70 -33.29
N GLU A 663 -19.81 22.81 -34.40
CA GLU A 663 -20.37 21.63 -35.05
C GLU A 663 -19.28 20.70 -35.57
N THR A 664 -18.25 21.26 -36.21
CA THR A 664 -17.14 20.46 -36.71
C THR A 664 -16.37 19.81 -35.56
N TYR A 665 -16.15 20.58 -34.48
CA TYR A 665 -15.46 20.05 -33.31
C TYR A 665 -16.23 18.87 -32.70
N LYS A 666 -17.55 19.04 -32.53
CA LYS A 666 -18.37 17.98 -31.96
C LYS A 666 -18.41 16.76 -32.87
N TYR A 667 -18.53 16.96 -34.19
CA TYR A 667 -18.57 15.85 -35.11
C TYR A 667 -17.26 15.08 -35.13
N PHE A 668 -16.12 15.79 -35.05
CA PHE A 668 -14.84 15.12 -35.06
C PHE A 668 -14.53 14.45 -33.72
N THR A 669 -15.07 14.96 -32.62
CA THR A 669 -14.85 14.33 -31.32
C THR A 669 -15.89 13.29 -30.96
N ARG A 670 -16.95 13.14 -31.77
CA ARG A 670 -17.94 12.09 -31.51
C ARG A 670 -17.35 10.70 -31.64
N ARG A 671 -16.52 10.49 -32.67
CA ARG A 671 -15.99 9.15 -32.96
C ARG A 671 -14.93 8.69 -31.97
N GLY A 672 -14.48 9.56 -31.07
CA GLY A 672 -13.45 9.22 -30.12
C GLY A 672 -12.07 9.73 -30.46
N SER A 673 -11.90 10.34 -31.64
CA SER A 673 -10.63 10.94 -32.00
C SER A 673 -10.36 12.16 -31.13
N ARG A 674 -9.12 12.31 -30.69
CA ARG A 674 -8.72 13.43 -29.84
C ARG A 674 -8.25 14.58 -30.72
N VAL A 675 -8.84 15.76 -30.52
CA VAL A 675 -8.52 16.92 -31.34
C VAL A 675 -7.93 18.00 -30.44
N LEU A 676 -7.05 18.80 -31.02
CA LEU A 676 -6.42 19.92 -30.35
C LEU A 676 -6.49 21.15 -31.25
N ALA A 677 -6.85 22.29 -30.68
CA ALA A 677 -6.98 23.52 -31.43
C ALA A 677 -5.62 24.22 -31.51
N LEU A 678 -5.25 24.64 -32.71
CA LEU A 678 -4.01 25.33 -32.99
C LEU A 678 -4.33 26.75 -33.43
N ALA A 679 -3.57 27.72 -32.91
CA ALA A 679 -3.79 29.12 -33.21
C ALA A 679 -2.45 29.85 -33.22
N TYR A 680 -2.42 30.95 -33.96
CA TYR A 680 -1.17 31.67 -34.24
C TYR A 680 -1.37 33.17 -34.04
N LYS A 681 -0.27 33.87 -33.83
CA LYS A 681 -0.27 35.33 -33.84
C LYS A 681 1.14 35.82 -34.13
N GLN A 682 1.22 36.98 -34.79
CA GLN A 682 2.48 37.62 -35.12
C GLN A 682 2.56 38.94 -34.35
N LEU A 683 3.63 39.11 -33.59
CA LEU A 683 3.81 40.32 -32.79
C LEU A 683 4.52 41.43 -33.57
N THR A 684 5.69 41.13 -34.14
CA THR A 684 6.43 42.07 -34.95
C THR A 684 6.58 41.51 -36.36
N THR A 685 6.29 42.33 -37.37
CA THR A 685 6.38 41.89 -38.75
C THR A 685 7.81 41.80 -39.26
N GLU A 686 8.75 42.46 -38.58
CA GLU A 686 10.15 42.44 -39.02
C GLU A 686 11.05 42.63 -37.81
N GLY A 687 12.10 41.83 -37.73
CA GLY A 687 13.07 41.93 -36.66
C GLY A 687 12.63 41.20 -35.41
N GLU A 688 13.62 40.94 -34.55
CA GLU A 688 13.34 40.28 -33.28
C GLU A 688 12.66 41.25 -32.32
N LEU A 689 11.92 40.69 -31.36
CA LEU A 689 11.15 41.49 -30.42
C LEU A 689 12.07 42.28 -29.49
N GLY A 690 13.10 41.64 -28.96
CA GLY A 690 13.98 42.28 -28.00
C GLY A 690 13.81 41.69 -26.61
N ALA A 691 14.93 41.32 -25.98
CA ALA A 691 14.87 40.60 -24.71
C ALA A 691 14.27 41.44 -23.59
N ASN A 692 14.36 42.77 -23.70
CA ASN A 692 13.87 43.64 -22.64
C ASN A 692 12.36 43.51 -22.46
N LYS A 693 11.62 43.40 -23.55
CA LYS A 693 10.18 43.16 -23.47
C LYS A 693 9.81 41.72 -23.79
N ILE A 694 10.77 40.89 -24.21
CA ILE A 694 10.52 39.44 -24.23
C ILE A 694 10.40 38.93 -22.79
N ASN A 695 11.30 39.38 -21.91
CA ASN A 695 11.24 38.99 -20.51
C ASN A 695 10.17 39.74 -19.73
N ASP A 696 9.71 40.88 -20.25
CA ASP A 696 8.67 41.66 -19.61
C ASP A 696 7.27 41.17 -19.95
N LEU A 697 7.14 40.29 -20.95
CA LEU A 697 5.83 39.79 -21.34
C LEU A 697 5.25 38.88 -20.27
N LYS A 698 3.94 38.96 -20.09
CA LYS A 698 3.21 38.16 -19.11
C LYS A 698 2.31 37.17 -19.83
N ARG A 699 1.62 36.34 -19.04
CA ARG A 699 0.75 35.32 -19.62
C ARG A 699 -0.50 35.94 -20.23
N GLU A 700 -1.09 36.93 -19.56
CA GLU A 700 -2.31 37.56 -20.05
C GLU A 700 -2.06 38.48 -21.23
N SER A 701 -0.87 39.09 -21.30
CA SER A 701 -0.59 40.03 -22.38
C SER A 701 -0.34 39.31 -23.70
N VAL A 702 0.37 38.18 -23.66
CA VAL A 702 0.73 37.48 -24.89
C VAL A 702 -0.44 36.66 -25.44
N GLU A 703 -1.40 36.27 -24.59
CA GLU A 703 -2.55 35.48 -25.03
C GLU A 703 -3.75 36.40 -25.22
N ALA A 704 -3.73 37.15 -26.32
CA ALA A 704 -4.82 38.07 -26.63
C ALA A 704 -4.81 38.36 -28.13
N ASP A 705 -6.02 38.55 -28.67
CA ASP A 705 -6.22 38.89 -30.08
C ASP A 705 -5.58 37.87 -31.03
N LEU A 706 -5.78 36.59 -30.72
CA LEU A 706 -5.19 35.51 -31.50
C LEU A 706 -6.13 35.11 -32.63
N HIS A 707 -5.53 34.74 -33.77
CA HIS A 707 -6.29 34.24 -34.91
C HIS A 707 -6.49 32.72 -34.74
N PHE A 708 -6.90 32.04 -35.81
CA PHE A 708 -7.13 30.61 -35.79
C PHE A 708 -6.28 29.93 -36.84
N ALA A 709 -5.67 28.80 -36.47
CA ALA A 709 -4.83 28.04 -37.38
C ALA A 709 -5.46 26.74 -37.84
N GLY A 710 -5.94 25.90 -36.93
CA GLY A 710 -6.60 24.69 -37.38
C GLY A 710 -6.88 23.73 -36.23
N PHE A 711 -7.20 22.50 -36.63
CA PHE A 711 -7.49 21.40 -35.71
C PHE A 711 -6.54 20.25 -36.02
N LEU A 712 -5.76 19.85 -35.04
CA LEU A 712 -4.94 18.64 -35.15
C LEU A 712 -5.74 17.48 -34.55
N VAL A 713 -6.19 16.56 -35.40
CA VAL A 713 -7.00 15.44 -34.96
C VAL A 713 -6.17 14.16 -35.05
N LEU A 714 -6.26 13.34 -34.00
CA LEU A 714 -5.46 12.15 -33.83
C LEU A 714 -6.34 11.01 -33.33
N GLN A 715 -5.84 9.79 -33.46
CA GLN A 715 -6.52 8.60 -32.96
C GLN A 715 -5.75 8.02 -31.79
N CYS A 716 -6.44 7.84 -30.67
CA CYS A 716 -5.82 7.28 -29.47
C CYS A 716 -6.11 5.78 -29.41
N PRO A 717 -5.10 4.93 -29.46
CA PRO A 717 -5.35 3.48 -29.47
C PRO A 717 -5.53 2.90 -28.07
N LEU A 718 -6.50 2.00 -27.96
CA LEU A 718 -6.74 1.29 -26.71
C LEU A 718 -5.62 0.31 -26.41
N LYS A 719 -5.33 0.14 -25.12
CA LYS A 719 -4.43 -0.92 -24.71
C LYS A 719 -5.07 -2.28 -24.94
N GLU A 720 -4.25 -3.25 -25.32
CA GLU A 720 -4.77 -4.56 -25.69
C GLU A 720 -5.23 -5.40 -24.51
N ASP A 721 -4.96 -4.98 -23.28
CA ASP A 721 -5.43 -5.66 -22.09
C ASP A 721 -6.59 -4.96 -21.40
N ALA A 722 -7.05 -3.84 -21.95
CA ALA A 722 -8.08 -3.04 -21.27
C ALA A 722 -9.41 -3.78 -21.23
N LYS A 723 -9.83 -4.34 -22.36
CA LYS A 723 -11.14 -4.97 -22.45
C LYS A 723 -11.22 -6.19 -21.54
N GLN A 724 -10.17 -7.02 -21.53
CA GLN A 724 -10.18 -8.23 -20.71
C GLN A 724 -10.21 -7.89 -19.22
N ALA A 725 -9.38 -6.92 -18.81
CA ALA A 725 -9.31 -6.54 -17.40
C ALA A 725 -10.62 -5.92 -16.93
N VAL A 726 -11.20 -5.04 -17.75
CA VAL A 726 -12.46 -4.40 -17.38
C VAL A 726 -13.59 -5.42 -17.34
N ARG A 727 -13.59 -6.37 -18.29
CA ARG A 727 -14.62 -7.41 -18.28
C ARG A 727 -14.49 -8.30 -17.05
N MET A 728 -13.26 -8.66 -16.68
CA MET A 728 -13.06 -9.49 -15.49
C MET A 728 -13.47 -8.75 -14.22
N LEU A 729 -13.18 -7.44 -14.16
CA LEU A 729 -13.58 -6.66 -12.99
C LEU A 729 -15.09 -6.49 -12.91
N ASN A 730 -15.74 -6.30 -14.06
CA ASN A 730 -17.19 -6.09 -14.05
C ASN A 730 -17.93 -7.39 -13.75
N GLU A 731 -17.43 -8.53 -14.24
CA GLU A 731 -18.14 -9.79 -14.05
C GLU A 731 -18.06 -10.27 -12.61
N SER A 732 -17.03 -9.85 -11.87
CA SER A 732 -16.91 -10.22 -10.47
C SER A 732 -17.78 -9.29 -9.63
N SER A 733 -17.60 -9.36 -8.31
CA SER A 733 -18.36 -8.51 -7.38
C SER A 733 -17.64 -7.17 -7.22
N HIS A 734 -17.70 -6.37 -8.28
CA HIS A 734 -17.09 -5.06 -8.31
C HIS A 734 -17.93 -4.14 -9.17
N ARG A 735 -17.61 -2.84 -9.09
CA ARG A 735 -18.17 -1.84 -9.99
C ARG A 735 -17.05 -0.90 -10.38
N VAL A 736 -16.94 -0.63 -11.69
CA VAL A 736 -15.85 0.17 -12.23
C VAL A 736 -16.41 1.50 -12.70
N VAL A 737 -15.77 2.59 -12.24
CA VAL A 737 -16.10 3.94 -12.68
C VAL A 737 -14.84 4.57 -13.24
N MET A 738 -15.04 5.55 -14.11
CA MET A 738 -13.92 6.18 -14.82
C MET A 738 -13.92 7.67 -14.56
N ILE A 739 -12.76 8.19 -14.15
CA ILE A 739 -12.58 9.61 -13.87
C ILE A 739 -11.43 10.11 -14.74
N THR A 740 -11.68 11.21 -15.45
CA THR A 740 -10.67 11.74 -16.36
C THR A 740 -10.84 13.25 -16.50
N GLY A 741 -9.80 13.89 -17.03
CA GLY A 741 -9.81 15.31 -17.26
C GLY A 741 -9.94 15.68 -18.72
N ASP A 742 -10.45 14.76 -19.54
CA ASP A 742 -10.57 14.97 -20.97
C ASP A 742 -11.95 15.54 -21.30
N ASN A 743 -12.22 15.68 -22.60
CA ASN A 743 -13.51 16.14 -23.05
C ASN A 743 -14.60 15.09 -22.76
N PRO A 744 -15.85 15.52 -22.60
CA PRO A 744 -16.92 14.55 -22.25
C PRO A 744 -17.19 13.53 -23.33
N LEU A 745 -17.24 13.94 -24.60
CA LEU A 745 -17.61 13.01 -25.67
C LEU A 745 -16.55 11.94 -25.87
N THR A 746 -15.27 12.31 -25.81
CA THR A 746 -14.20 11.33 -25.95
C THR A 746 -14.20 10.34 -24.79
N ALA A 747 -14.44 10.83 -23.56
CA ALA A 747 -14.52 9.96 -22.40
C ALA A 747 -15.69 9.00 -22.52
N VAL A 748 -16.84 9.48 -23.00
CA VAL A 748 -18.01 8.64 -23.20
C VAL A 748 -17.74 7.56 -24.24
N HIS A 749 -17.09 7.93 -25.35
CA HIS A 749 -16.78 6.95 -26.39
C HIS A 749 -15.79 5.90 -25.88
N VAL A 750 -14.78 6.32 -25.11
CA VAL A 750 -13.81 5.37 -24.57
C VAL A 750 -14.48 4.44 -23.57
N ALA A 751 -15.39 4.96 -22.75
CA ALA A 751 -16.12 4.12 -21.81
C ALA A 751 -17.02 3.12 -22.54
N LYS A 752 -17.64 3.56 -23.64
CA LYS A 752 -18.49 2.65 -24.41
C LYS A 752 -17.67 1.56 -25.08
N GLU A 753 -16.48 1.89 -25.58
CA GLU A 753 -15.61 0.88 -26.16
C GLU A 753 -15.09 -0.08 -25.11
N VAL A 754 -14.83 0.42 -23.90
CA VAL A 754 -14.33 -0.42 -22.80
C VAL A 754 -15.45 -1.23 -22.15
N GLU A 755 -16.71 -0.90 -22.47
CA GLU A 755 -17.91 -1.54 -21.94
C GLU A 755 -18.08 -1.26 -20.45
N ILE A 756 -17.75 -0.05 -20.02
CA ILE A 756 -18.17 0.41 -18.70
C ILE A 756 -19.67 0.69 -18.69
N VAL A 757 -20.17 1.35 -19.73
CA VAL A 757 -21.58 1.68 -19.85
C VAL A 757 -22.18 0.82 -20.97
N ASP A 758 -23.43 0.42 -20.79
CA ASP A 758 -24.16 -0.38 -21.77
C ASP A 758 -25.32 0.38 -22.39
N ARG A 759 -26.16 1.01 -21.58
CA ARG A 759 -27.36 1.69 -22.06
C ARG A 759 -26.99 3.03 -22.70
N ASP A 760 -27.99 3.75 -23.19
CA ASP A 760 -27.77 5.09 -23.69
C ASP A 760 -27.42 6.02 -22.53
N VAL A 761 -26.45 6.91 -22.77
CA VAL A 761 -25.90 7.77 -21.73
C VAL A 761 -26.34 9.20 -22.00
N LEU A 762 -26.42 10.01 -20.94
CA LEU A 762 -26.80 11.41 -21.03
C LEU A 762 -25.73 12.25 -20.36
N ILE A 763 -25.29 13.30 -21.05
CA ILE A 763 -24.30 14.22 -20.51
C ILE A 763 -25.03 15.29 -19.73
N LEU A 764 -24.33 15.90 -18.76
CA LEU A 764 -24.89 16.93 -17.91
C LEU A 764 -23.89 18.07 -17.85
N ASP A 765 -24.25 19.22 -18.41
CA ASP A 765 -23.27 20.27 -18.63
C ASP A 765 -23.99 21.61 -18.72
N ALA A 766 -23.20 22.68 -18.74
CA ALA A 766 -23.72 24.00 -19.06
C ALA A 766 -23.88 24.13 -20.57
N PRO A 767 -24.82 24.98 -21.03
CA PRO A 767 -25.00 25.18 -22.48
C PRO A 767 -23.80 25.86 -23.14
N SER A 776 -28.12 26.82 -18.04
CA SER A 776 -27.29 26.36 -16.93
C SER A 776 -27.80 25.04 -16.37
N LEU A 777 -26.89 24.08 -16.19
CA LEU A 777 -27.18 22.77 -15.59
C LEU A 777 -28.26 22.03 -16.37
N VAL A 778 -27.92 21.69 -17.61
CA VAL A 778 -28.86 21.03 -18.51
C VAL A 778 -28.32 19.66 -18.91
N TRP A 779 -29.23 18.69 -18.96
CA TRP A 779 -28.96 17.40 -19.57
C TRP A 779 -28.99 17.53 -21.09
N ARG A 780 -27.98 16.99 -21.74
CA ARG A 780 -27.94 16.85 -23.19
C ARG A 780 -27.68 15.39 -23.55
N SER A 781 -27.84 15.07 -24.82
CA SER A 781 -27.60 13.73 -25.32
C SER A 781 -26.37 13.74 -26.21
N VAL A 782 -25.87 12.53 -26.52
CA VAL A 782 -24.69 12.40 -27.37
C VAL A 782 -24.99 12.89 -28.77
N ASP A 783 -26.15 12.54 -29.32
CA ASP A 783 -26.56 12.99 -30.64
C ASP A 783 -27.31 14.33 -30.60
N ASP A 784 -27.41 14.93 -29.42
CA ASP A 784 -28.06 16.24 -29.22
C ASP A 784 -29.51 16.23 -29.71
N LYS A 785 -30.20 15.11 -29.46
CA LYS A 785 -31.59 14.97 -29.85
C LYS A 785 -32.57 15.43 -28.78
N ILE A 786 -32.21 15.30 -27.50
CA ILE A 786 -33.05 15.73 -26.39
C ILE A 786 -32.25 16.68 -25.51
N ARG A 787 -32.95 17.63 -24.90
CA ARG A 787 -32.35 18.60 -23.99
C ARG A 787 -33.30 18.85 -22.84
N ILE A 788 -32.81 18.66 -21.62
CA ILE A 788 -33.63 18.75 -20.41
C ILE A 788 -33.04 19.82 -19.50
N ASP A 789 -33.90 20.72 -19.02
CA ASP A 789 -33.49 21.76 -18.10
C ASP A 789 -33.84 21.34 -16.67
N VAL A 790 -32.86 21.42 -15.77
CA VAL A 790 -33.04 21.03 -14.38
C VAL A 790 -32.46 22.12 -13.49
N ASP A 791 -32.94 22.14 -12.25
CA ASP A 791 -32.50 23.09 -11.22
C ASP A 791 -31.50 22.43 -10.27
N PRO A 792 -30.49 23.17 -9.82
CA PRO A 792 -29.51 22.57 -8.90
C PRO A 792 -30.06 22.24 -7.53
N THR A 793 -31.16 22.87 -7.11
CA THR A 793 -31.69 22.66 -5.77
C THR A 793 -32.68 21.52 -5.69
N LYS A 794 -33.53 21.37 -6.71
CA LYS A 794 -34.56 20.34 -6.69
C LYS A 794 -33.93 18.96 -6.85
N PRO A 795 -34.54 17.93 -6.27
CA PRO A 795 -34.01 16.56 -6.46
C PRO A 795 -34.16 16.09 -7.88
N ILE A 796 -33.27 15.17 -8.27
CA ILE A 796 -33.23 14.67 -9.63
C ILE A 796 -34.45 13.79 -9.91
N ASP A 797 -34.89 13.80 -11.17
CA ASP A 797 -36.02 12.98 -11.57
C ASP A 797 -35.64 11.50 -11.50
N PRO A 798 -36.39 10.69 -10.74
CA PRO A 798 -36.00 9.28 -10.56
C PRO A 798 -35.95 8.46 -11.84
N GLU A 799 -36.81 8.77 -12.83
CA GLU A 799 -36.80 8.00 -14.06
C GLU A 799 -35.51 8.23 -14.84
N ILE A 800 -34.89 9.40 -14.68
CA ILE A 800 -33.59 9.65 -15.29
C ILE A 800 -32.53 8.75 -14.66
N LEU A 801 -32.56 8.62 -13.33
CA LEU A 801 -31.59 7.75 -12.65
C LEU A 801 -31.81 6.29 -13.00
N LYS A 802 -33.07 5.88 -13.18
CA LYS A 802 -33.35 4.47 -13.41
C LYS A 802 -33.11 4.07 -14.86
N THR A 803 -33.69 4.81 -15.81
CA THR A 803 -33.69 4.36 -17.19
C THR A 803 -32.34 4.52 -17.85
N LYS A 804 -31.67 5.65 -17.63
CA LYS A 804 -30.46 5.99 -18.38
C LYS A 804 -29.27 6.14 -17.45
N ASP A 805 -28.08 5.97 -18.02
CA ASP A 805 -26.83 6.22 -17.31
C ASP A 805 -26.55 7.72 -17.26
N LEU A 806 -25.59 8.08 -16.41
CA LEU A 806 -25.26 9.48 -16.19
C LEU A 806 -23.76 9.70 -16.40
N CYS A 807 -23.41 10.92 -16.82
CA CYS A 807 -22.01 11.32 -16.95
C CYS A 807 -21.92 12.79 -16.53
N VAL A 808 -21.45 13.03 -15.31
CA VAL A 808 -21.47 14.34 -14.69
C VAL A 808 -20.11 14.99 -14.85
N THR A 809 -20.09 16.21 -15.38
CA THR A 809 -18.86 16.96 -15.58
C THR A 809 -18.40 17.61 -14.28
N GLY A 810 -17.22 18.23 -14.33
CA GLY A 810 -16.66 18.85 -13.13
C GLY A 810 -17.29 20.17 -12.76
N TYR A 811 -17.78 20.93 -13.74
CA TYR A 811 -18.39 22.22 -13.47
C TYR A 811 -19.64 22.06 -12.61
N ALA A 812 -20.56 21.18 -13.03
CA ALA A 812 -21.76 20.95 -12.25
C ALA A 812 -21.50 20.18 -10.97
N LEU A 813 -20.43 19.39 -10.94
CA LEU A 813 -20.00 18.78 -9.68
C LEU A 813 -19.59 19.85 -8.67
N ASN A 814 -18.92 20.90 -9.15
CA ASN A 814 -18.62 22.05 -8.30
C ASN A 814 -19.91 22.77 -7.90
N LYS A 815 -20.86 22.87 -8.82
CA LYS A 815 -22.14 23.52 -8.51
C LYS A 815 -23.04 22.69 -7.63
N PHE A 816 -22.72 21.41 -7.39
CA PHE A 816 -23.51 20.52 -6.55
C PHE A 816 -22.84 20.25 -5.21
N LYS A 817 -22.23 21.27 -4.61
CA LYS A 817 -21.40 21.05 -3.44
C LYS A 817 -22.21 20.75 -2.19
N GLY A 818 -23.41 21.32 -2.08
CA GLY A 818 -24.16 21.19 -0.83
C GLY A 818 -25.65 20.95 -0.96
N GLN A 819 -26.15 20.73 -2.17
CA GLN A 819 -27.57 20.53 -2.37
C GLN A 819 -27.97 19.11 -1.98
N VAL A 820 -29.28 18.84 -2.04
CA VAL A 820 -29.80 17.53 -1.65
C VAL A 820 -29.53 16.46 -2.69
N GLY A 821 -29.23 16.85 -3.93
CA GLY A 821 -28.94 15.90 -4.98
C GLY A 821 -27.50 15.43 -5.05
N TRP A 822 -26.66 15.86 -4.11
CA TRP A 822 -25.25 15.49 -4.13
C TRP A 822 -25.06 14.00 -3.85
N LYS A 823 -25.85 13.43 -2.94
CA LYS A 823 -25.69 12.03 -2.58
C LYS A 823 -26.06 11.12 -3.73
N SER A 824 -27.24 11.34 -4.33
CA SER A 824 -27.73 10.47 -5.39
C SER A 824 -26.82 10.51 -6.61
N LEU A 825 -26.30 11.71 -6.94
CA LEU A 825 -25.36 11.85 -8.05
C LEU A 825 -24.06 11.09 -7.81
N LEU A 826 -23.77 10.69 -6.58
CA LEU A 826 -22.59 9.89 -6.29
C LEU A 826 -22.87 8.39 -6.32
N ARG A 827 -24.08 7.98 -6.70
CA ARG A 827 -24.44 6.57 -6.71
C ARG A 827 -24.80 6.02 -8.08
N TYR A 828 -25.37 6.84 -8.97
CA TYR A 828 -25.91 6.34 -10.22
C TYR A 828 -25.10 6.70 -11.45
N THR A 829 -24.01 7.43 -11.31
CA THR A 829 -23.17 7.79 -12.45
C THR A 829 -21.89 6.97 -12.46
N TRP A 830 -21.29 6.83 -13.65
CA TRP A 830 -20.10 6.03 -13.82
C TRP A 830 -18.92 6.76 -14.46
N VAL A 831 -19.15 7.81 -15.24
CA VAL A 831 -18.09 8.50 -15.97
C VAL A 831 -18.08 9.97 -15.56
N TYR A 832 -16.90 10.47 -15.22
CA TYR A 832 -16.68 11.89 -14.96
C TYR A 832 -15.72 12.47 -15.99
N ALA A 833 -15.96 13.72 -16.38
CA ALA A 833 -15.13 14.37 -17.37
C ALA A 833 -14.84 15.80 -16.94
N ARG A 834 -13.68 16.31 -17.38
CA ARG A 834 -13.19 17.65 -17.06
C ARG A 834 -13.14 17.87 -15.55
N VAL A 835 -12.34 17.05 -14.88
CA VAL A 835 -12.27 17.01 -13.43
C VAL A 835 -10.91 17.56 -12.99
N SER A 836 -10.94 18.54 -12.09
CA SER A 836 -9.72 19.09 -11.54
C SER A 836 -9.06 18.08 -10.61
N PRO A 837 -7.74 18.20 -10.38
CA PRO A 837 -7.07 17.27 -9.45
C PRO A 837 -7.63 17.30 -8.04
N LYS A 838 -8.13 18.44 -7.58
CA LYS A 838 -8.74 18.50 -6.24
C LYS A 838 -10.12 17.83 -6.24
N GLN A 839 -10.88 17.97 -7.32
CA GLN A 839 -12.20 17.37 -7.39
C GLN A 839 -12.13 15.84 -7.46
N LYS A 840 -11.03 15.28 -7.96
CA LYS A 840 -10.86 13.83 -7.92
C LYS A 840 -10.80 13.32 -6.49
N GLU A 841 -9.98 13.97 -5.65
CA GLU A 841 -9.92 13.57 -4.25
C GLU A 841 -11.22 13.90 -3.52
N ASP A 842 -11.93 14.95 -3.96
CA ASP A 842 -13.23 15.24 -3.37
C ASP A 842 -14.25 14.13 -3.67
N ILE A 843 -14.27 13.67 -4.91
CA ILE A 843 -15.15 12.56 -5.30
C ILE A 843 -14.78 11.30 -4.54
N LEU A 844 -13.47 11.02 -4.43
CA LEU A 844 -13.03 9.83 -3.71
C LEU A 844 -13.40 9.89 -2.23
N LEU A 845 -13.25 11.05 -1.60
CA LEU A 845 -13.63 11.20 -0.21
C LEU A 845 -15.14 11.06 -0.03
N GLY A 846 -15.92 11.61 -0.96
CA GLY A 846 -17.37 11.44 -0.89
C GLY A 846 -17.79 9.99 -1.04
N LEU A 847 -17.12 9.26 -1.92
CA LEU A 847 -17.43 7.83 -2.09
C LEU A 847 -17.01 7.03 -0.86
N LYS A 848 -15.90 7.40 -0.24
CA LYS A 848 -15.47 6.72 0.98
C LYS A 848 -16.34 7.09 2.18
N ASP A 849 -17.06 8.22 2.11
CA ASP A 849 -17.90 8.63 3.23
C ASP A 849 -19.09 7.69 3.43
N MET A 850 -19.61 7.11 2.34
CA MET A 850 -20.76 6.21 2.44
C MET A 850 -20.41 4.86 3.03
N GLY A 851 -19.13 4.51 3.13
CA GLY A 851 -18.70 3.22 3.61
C GLY A 851 -18.17 2.30 2.54
N TYR A 852 -18.26 2.68 1.27
CA TYR A 852 -17.73 1.85 0.19
C TYR A 852 -16.21 1.89 0.19
N TYR A 853 -15.59 0.73 -0.08
CA TYR A 853 -14.15 0.65 -0.21
C TYR A 853 -13.76 0.90 -1.66
N THR A 854 -12.76 1.76 -1.86
CA THR A 854 -12.41 2.25 -3.18
C THR A 854 -10.99 1.82 -3.55
N LEU A 855 -10.77 1.67 -4.86
CA LEU A 855 -9.46 1.41 -5.43
C LEU A 855 -9.22 2.41 -6.55
N MET A 856 -8.02 2.96 -6.62
CA MET A 856 -7.70 3.95 -7.64
C MET A 856 -6.41 3.56 -8.36
N ALA A 857 -6.40 3.69 -9.68
CA ALA A 857 -5.24 3.43 -10.51
C ALA A 857 -4.95 4.67 -11.35
N GLY A 858 -3.68 5.10 -11.36
CA GLY A 858 -3.31 6.27 -12.12
C GLY A 858 -1.81 6.31 -12.34
N ASP A 859 -1.39 7.21 -13.22
CA ASP A 859 0.03 7.33 -13.49
C ASP A 859 0.56 8.75 -13.39
N GLY A 860 -0.23 9.74 -13.83
CA GLY A 860 0.27 11.09 -13.95
C GLY A 860 0.24 11.87 -12.64
N THR A 861 0.72 13.11 -12.72
CA THR A 861 0.71 14.02 -11.59
C THR A 861 -0.67 14.60 -11.31
N ASN A 862 -1.64 14.41 -12.22
CA ASN A 862 -3.00 14.88 -12.01
C ASN A 862 -3.75 14.02 -11.01
N ASP A 863 -3.25 12.83 -10.67
CA ASP A 863 -3.93 11.92 -9.76
C ASP A 863 -3.19 11.73 -8.44
N VAL A 864 -2.02 12.34 -8.27
CA VAL A 864 -1.21 12.13 -7.07
C VAL A 864 -1.90 12.64 -5.82
N GLY A 865 -2.84 13.57 -5.96
CA GLY A 865 -3.62 14.00 -4.82
C GLY A 865 -4.77 13.10 -4.44
N ALA A 866 -5.04 12.06 -5.25
CA ALA A 866 -6.15 11.17 -5.00
C ALA A 866 -5.75 9.72 -4.73
N LEU A 867 -4.51 9.33 -5.07
CA LEU A 867 -4.08 7.97 -4.78
C LEU A 867 -3.92 7.75 -3.28
N LYS A 868 -3.42 8.76 -2.56
CA LYS A 868 -3.25 8.62 -1.12
C LYS A 868 -4.58 8.67 -0.39
N GLN A 869 -5.58 9.35 -0.95
CA GLN A 869 -6.88 9.45 -0.31
C GLN A 869 -7.67 8.15 -0.42
N ALA A 870 -7.45 7.37 -1.48
CA ALA A 870 -8.18 6.13 -1.66
C ALA A 870 -7.64 5.06 -0.70
N HIS A 871 -8.41 3.97 -0.58
CA HIS A 871 -7.99 2.87 0.28
C HIS A 871 -6.75 2.18 -0.28
N VAL A 872 -6.76 1.85 -1.57
CA VAL A 872 -5.62 1.25 -2.23
C VAL A 872 -5.38 1.98 -3.55
N GLY A 873 -4.13 2.35 -3.78
CA GLY A 873 -3.76 3.10 -4.96
C GLY A 873 -2.62 2.45 -5.71
N VAL A 874 -2.74 2.43 -7.03
CA VAL A 874 -1.75 1.81 -7.92
C VAL A 874 -1.21 2.90 -8.85
N ALA A 875 0.12 3.00 -8.91
CA ALA A 875 0.81 3.90 -9.83
C ALA A 875 1.27 3.07 -11.02
N LEU A 876 0.50 3.13 -12.10
CA LEU A 876 0.76 2.35 -13.30
C LEU A 876 1.92 3.00 -14.06
N LEU A 877 3.13 2.68 -13.63
CA LEU A 877 4.34 3.17 -14.29
C LEU A 877 4.46 2.50 -15.65
N ASN A 878 4.19 3.24 -16.71
CA ASN A 878 4.29 2.70 -18.06
C ASN A 878 5.77 2.51 -18.41
N GLY A 879 6.24 1.28 -18.33
CA GLY A 879 7.63 0.98 -18.63
C GLY A 879 7.74 -0.27 -19.48
N THR A 880 8.74 -0.27 -20.36
CA THR A 880 8.93 -1.39 -21.26
C THR A 880 9.48 -2.60 -20.51
N GLN A 881 8.89 -3.77 -20.79
CA GLN A 881 9.38 -5.01 -20.19
C GLN A 881 10.74 -5.41 -20.74
N GLU A 882 11.09 -4.93 -21.95
CA GLU A 882 12.44 -5.14 -22.47
C GLU A 882 13.48 -4.48 -21.59
N ASP A 883 13.16 -3.31 -21.03
CA ASP A 883 14.07 -2.65 -20.09
C ASP A 883 14.23 -3.48 -18.82
N LEU A 884 13.14 -4.09 -18.34
CA LEU A 884 13.22 -4.93 -17.15
C LEU A 884 14.08 -6.16 -17.42
N ASN A 885 13.96 -6.78 -18.59
CA ASN A 885 14.77 -7.93 -18.92
C ASN A 885 16.20 -7.55 -19.31
N ARG A 886 16.45 -6.28 -19.63
CA ARG A 886 17.77 -5.87 -20.10
C ARG A 886 18.78 -5.80 -18.96
N ILE A 887 18.31 -5.60 -17.72
CA ILE A 887 19.21 -5.42 -16.60
C ILE A 887 19.94 -6.72 -16.30
N ALA A 888 21.22 -6.60 -15.93
CA ALA A 888 22.03 -7.77 -15.60
C ALA A 888 22.99 -7.53 -14.44
N GLU A 889 22.91 -6.37 -13.78
CA GLU A 889 23.79 -5.97 -12.67
C GLU A 889 25.23 -5.99 -13.19
N HIS A 890 26.16 -6.64 -12.49
CA HIS A 890 27.57 -6.73 -12.88
C HIS A 890 28.22 -5.36 -13.09
N PRO A 1008 14.65 -10.50 -12.39
CA PRO A 1008 13.33 -9.94 -12.69
C PRO A 1008 12.61 -9.43 -11.44
N THR A 1009 12.97 -9.99 -10.28
CA THR A 1009 12.36 -9.54 -9.03
C THR A 1009 12.78 -8.12 -8.68
N LEU A 1010 14.04 -7.77 -8.99
CA LEU A 1010 14.59 -6.43 -8.82
C LEU A 1010 14.54 -5.95 -7.38
N LYS A 1011 14.64 -4.65 -7.16
CA LYS A 1011 14.62 -4.04 -5.84
C LYS A 1011 13.66 -2.86 -5.86
N LEU A 1012 13.55 -2.18 -4.72
CA LEU A 1012 12.67 -1.03 -4.58
C LEU A 1012 13.32 0.28 -4.98
N GLY A 1013 14.57 0.25 -5.45
CA GLY A 1013 15.24 1.49 -5.83
C GLY A 1013 14.63 2.14 -7.06
N ASP A 1014 14.27 1.33 -8.06
CA ASP A 1014 13.69 1.86 -9.28
C ASP A 1014 12.20 2.15 -9.17
N ALA A 1015 11.58 1.82 -8.04
CA ALA A 1015 10.15 2.08 -7.84
C ALA A 1015 9.95 3.54 -7.46
N SER A 1016 8.71 3.89 -7.10
CA SER A 1016 8.35 5.26 -6.74
C SER A 1016 7.59 5.26 -5.43
N VAL A 1017 7.35 6.45 -4.91
CA VAL A 1017 6.63 6.64 -3.66
C VAL A 1017 5.34 7.44 -3.85
N ALA A 1018 4.87 7.58 -5.09
CA ALA A 1018 3.66 8.34 -5.35
C ALA A 1018 2.42 7.63 -4.81
N ALA A 1019 2.37 6.30 -4.95
CA ALA A 1019 1.23 5.50 -4.56
C ALA A 1019 1.69 4.34 -3.71
N PRO A 1020 0.81 3.79 -2.86
CA PRO A 1020 1.20 2.62 -2.06
C PRO A 1020 1.60 1.40 -2.88
N PHE A 1021 0.98 1.18 -4.04
CA PHE A 1021 1.30 0.05 -4.90
C PHE A 1021 1.89 0.56 -6.20
N THR A 1022 2.97 -0.07 -6.66
CA THR A 1022 3.63 0.36 -7.89
C THR A 1022 3.93 -0.85 -8.76
N SER A 1023 3.59 -0.77 -10.04
CA SER A 1023 3.90 -1.82 -11.00
C SER A 1023 4.74 -1.25 -12.13
N LYS A 1024 5.69 -2.04 -12.61
CA LYS A 1024 6.64 -1.61 -13.63
C LYS A 1024 6.26 -2.05 -15.04
N LEU A 1025 5.06 -2.58 -15.22
CA LEU A 1025 4.61 -3.05 -16.53
C LEU A 1025 3.39 -2.26 -16.97
N ARG A 1026 3.29 -2.06 -18.29
CA ARG A 1026 2.22 -1.25 -18.86
C ARG A 1026 0.86 -1.93 -18.87
N ASN A 1027 0.81 -3.23 -18.57
CA ASN A 1027 -0.44 -3.96 -18.64
C ASN A 1027 -1.39 -3.52 -17.54
N VAL A 1028 -2.64 -3.22 -17.91
CA VAL A 1028 -3.66 -2.90 -16.94
C VAL A 1028 -4.15 -4.16 -16.22
N MET A 1029 -3.80 -5.34 -16.76
CA MET A 1029 -4.20 -6.62 -16.17
C MET A 1029 -3.48 -6.87 -14.85
N ALA A 1030 -2.51 -6.02 -14.52
CA ALA A 1030 -1.92 -6.07 -13.18
C ALA A 1030 -2.91 -5.63 -12.11
N ILE A 1031 -3.93 -4.85 -12.48
CA ILE A 1031 -4.92 -4.40 -11.49
C ILE A 1031 -5.75 -5.57 -10.94
N PRO A 1032 -6.31 -6.49 -11.75
CA PRO A 1032 -7.02 -7.63 -11.14
C PRO A 1032 -6.15 -8.52 -10.27
N ASN A 1033 -4.87 -8.66 -10.60
CA ASN A 1033 -3.99 -9.59 -9.88
C ASN A 1033 -3.92 -9.24 -8.40
N ILE A 1034 -3.72 -7.95 -8.08
CA ILE A 1034 -3.77 -7.50 -6.70
C ILE A 1034 -5.14 -7.83 -6.10
N LEU A 1035 -6.21 -7.50 -6.84
CA LEU A 1035 -7.56 -7.79 -6.39
C LEU A 1035 -7.84 -9.28 -6.31
N ARG A 1036 -6.97 -10.12 -6.88
CA ARG A 1036 -7.07 -11.54 -6.61
C ARG A 1036 -6.26 -11.95 -5.38
N GLN A 1037 -5.05 -11.38 -5.23
CA GLN A 1037 -4.12 -11.88 -4.24
C GLN A 1037 -4.62 -11.65 -2.82
N GLY A 1038 -5.12 -10.44 -2.54
CA GLY A 1038 -5.77 -10.20 -1.26
C GLY A 1038 -6.97 -11.11 -1.06
N ARG A 1039 -7.71 -11.37 -2.14
CA ARG A 1039 -8.85 -12.28 -2.07
C ARG A 1039 -8.40 -13.68 -1.65
N CYS A 1040 -7.17 -14.06 -1.97
CA CYS A 1040 -6.64 -15.31 -1.44
C CYS A 1040 -6.35 -15.19 0.04
N THR A 1041 -5.70 -14.09 0.45
CA THR A 1041 -5.09 -14.00 1.77
C THR A 1041 -6.13 -14.15 2.87
N LEU A 1042 -7.20 -13.35 2.80
CA LEU A 1042 -8.30 -13.45 3.76
C LEU A 1042 -8.81 -14.88 3.84
N VAL A 1043 -9.02 -15.51 2.67
CA VAL A 1043 -9.52 -16.88 2.62
C VAL A 1043 -8.59 -17.79 3.42
N ALA A 1044 -7.29 -17.69 3.16
CA ALA A 1044 -6.33 -18.53 3.87
C ALA A 1044 -6.43 -18.29 5.36
N THR A 1045 -6.47 -17.01 5.75
CA THR A 1045 -6.57 -16.65 7.16
C THR A 1045 -7.79 -17.30 7.78
N ILE A 1046 -8.93 -17.24 7.08
CA ILE A 1046 -10.17 -17.80 7.60
C ILE A 1046 -9.97 -19.27 7.92
N GLN A 1047 -9.43 -20.03 6.97
CA GLN A 1047 -9.31 -21.46 7.18
C GLN A 1047 -8.40 -21.74 8.37
N MET A 1048 -7.32 -20.95 8.50
CA MET A 1048 -6.38 -21.19 9.58
C MET A 1048 -7.07 -21.05 10.92
N TYR A 1049 -7.89 -19.99 11.05
CA TYR A 1049 -8.61 -19.75 12.29
C TYR A 1049 -9.37 -20.98 12.69
N LYS A 1050 -10.19 -21.49 11.75
CA LYS A 1050 -11.04 -22.64 12.05
C LYS A 1050 -10.20 -23.79 12.54
N ILE A 1051 -9.16 -24.13 11.76
CA ILE A 1051 -8.35 -25.30 12.06
C ILE A 1051 -7.78 -25.18 13.47
N LEU A 1052 -7.18 -24.02 13.75
CA LEU A 1052 -6.49 -23.84 15.02
C LEU A 1052 -7.46 -24.05 16.16
N ALA A 1053 -8.61 -23.38 16.09
CA ALA A 1053 -9.57 -23.45 17.18
C ALA A 1053 -9.98 -24.90 17.42
N LEU A 1054 -10.35 -25.59 16.34
CA LEU A 1054 -10.86 -26.94 16.48
C LEU A 1054 -9.81 -27.83 17.11
N ASN A 1055 -8.56 -27.69 16.63
CA ASN A 1055 -7.48 -28.54 17.14
C ASN A 1055 -7.37 -28.39 18.64
N CYS A 1056 -7.30 -27.14 19.10
CA CYS A 1056 -7.10 -26.89 20.52
C CYS A 1056 -8.25 -27.49 21.31
N LEU A 1057 -9.47 -27.27 20.85
CA LEU A 1057 -10.64 -27.74 21.58
C LEU A 1057 -10.57 -29.24 21.75
N ILE A 1058 -10.27 -29.95 20.66
CA ILE A 1058 -10.27 -31.40 20.69
C ILE A 1058 -9.27 -31.88 21.74
N SER A 1059 -8.06 -31.31 21.71
CA SER A 1059 -7.01 -31.75 22.61
C SER A 1059 -7.44 -31.62 24.04
N ALA A 1060 -8.06 -30.48 24.38
CA ALA A 1060 -8.44 -30.23 25.76
C ALA A 1060 -9.42 -31.30 26.24
N TYR A 1061 -10.45 -31.56 25.43
CA TYR A 1061 -11.46 -32.49 25.91
C TYR A 1061 -10.90 -33.90 25.97
N SER A 1062 -9.94 -34.21 25.09
CA SER A 1062 -9.29 -35.51 25.16
C SER A 1062 -8.63 -35.68 26.52
N LEU A 1063 -7.88 -34.67 26.96
CA LEU A 1063 -7.23 -34.75 28.26
C LEU A 1063 -8.26 -34.86 29.36
N SER A 1064 -9.41 -34.20 29.20
CA SER A 1064 -10.45 -34.30 30.21
C SER A 1064 -10.93 -35.73 30.35
N VAL A 1065 -11.12 -36.43 29.23
CA VAL A 1065 -11.55 -37.81 29.29
C VAL A 1065 -10.47 -38.66 29.97
N LEU A 1066 -9.20 -38.32 29.75
CA LEU A 1066 -8.14 -39.03 30.44
C LEU A 1066 -8.09 -38.66 31.92
N TYR A 1067 -8.43 -37.42 32.27
CA TYR A 1067 -8.18 -36.95 33.62
C TYR A 1067 -9.32 -37.25 34.59
N LEU A 1068 -10.42 -37.82 34.12
CA LEU A 1068 -11.47 -38.28 35.00
C LEU A 1068 -11.23 -39.68 35.53
N GLU A 1069 -10.22 -40.38 35.02
CA GLU A 1069 -9.91 -41.74 35.43
C GLU A 1069 -8.57 -41.87 36.14
N GLY A 1070 -7.80 -40.77 36.25
CA GLY A 1070 -6.52 -40.82 36.92
C GLY A 1070 -5.36 -41.27 36.07
N ILE A 1071 -5.58 -41.59 34.80
CA ILE A 1071 -4.52 -42.01 33.89
C ILE A 1071 -4.13 -40.82 33.02
N LYS A 1072 -2.88 -40.80 32.58
CA LYS A 1072 -2.35 -39.70 31.80
C LYS A 1072 -1.72 -40.23 30.51
N PHE A 1073 -1.63 -39.33 29.53
CA PHE A 1073 -1.05 -39.69 28.23
C PHE A 1073 0.44 -39.98 28.35
N GLY A 1074 0.92 -40.83 27.45
CA GLY A 1074 2.33 -41.14 27.42
C GLY A 1074 3.16 -40.08 26.74
N ASP A 1075 4.45 -40.09 27.04
CA ASP A 1075 5.38 -39.13 26.44
C ASP A 1075 5.57 -39.41 24.96
N GLY A 1076 5.84 -40.67 24.61
CA GLY A 1076 6.10 -41.02 23.22
C GLY A 1076 4.89 -40.83 22.33
N GLN A 1077 3.69 -41.17 22.84
CA GLN A 1077 2.48 -41.03 22.04
C GLN A 1077 2.19 -39.58 21.72
N ILE A 1078 2.32 -38.70 22.72
CA ILE A 1078 2.05 -37.29 22.48
C ILE A 1078 3.13 -36.66 21.60
N THR A 1079 4.38 -37.13 21.72
CA THR A 1079 5.44 -36.64 20.84
C THR A 1079 5.19 -37.05 19.38
N ILE A 1080 4.77 -38.30 19.17
CA ILE A 1080 4.46 -38.76 17.81
C ILE A 1080 3.27 -37.99 17.24
N SER A 1081 2.25 -37.75 18.06
CA SER A 1081 1.09 -36.98 17.61
C SER A 1081 1.49 -35.56 17.22
N GLY A 1082 2.33 -34.92 18.03
CA GLY A 1082 2.80 -33.59 17.70
C GLY A 1082 3.61 -33.55 16.42
N MET A 1083 4.49 -34.54 16.22
CA MET A 1083 5.30 -34.60 15.01
C MET A 1083 4.41 -34.80 13.78
N LEU A 1084 3.41 -35.68 13.87
CA LEU A 1084 2.51 -35.91 12.75
C LEU A 1084 1.70 -34.67 12.43
N MET A 1085 1.23 -33.96 13.46
CA MET A 1085 0.47 -32.73 13.23
C MET A 1085 1.34 -31.66 12.59
N SER A 1086 2.61 -31.55 13.01
CA SER A 1086 3.52 -30.59 12.41
C SER A 1086 3.78 -30.92 10.95
N VAL A 1087 3.97 -32.20 10.64
CA VAL A 1087 4.20 -32.61 9.25
C VAL A 1087 2.97 -32.31 8.40
N CYS A 1088 1.77 -32.59 8.93
CA CYS A 1088 0.54 -32.28 8.21
C CYS A 1088 0.40 -30.78 7.97
N PHE A 1089 0.72 -29.97 8.97
CA PHE A 1089 0.65 -28.51 8.82
C PHE A 1089 1.61 -28.02 7.75
N LEU A 1090 2.85 -28.52 7.76
CA LEU A 1090 3.83 -28.12 6.76
C LEU A 1090 3.41 -28.55 5.35
N SER A 1091 2.78 -29.72 5.23
CA SER A 1091 2.32 -30.17 3.93
C SER A 1091 1.13 -29.33 3.44
N ILE A 1092 0.24 -28.94 4.35
CA ILE A 1092 -0.96 -28.21 3.96
C ILE A 1092 -0.61 -26.76 3.58
N SER A 1093 0.39 -26.17 4.26
CA SER A 1093 0.62 -24.73 4.18
C SER A 1093 1.01 -24.23 2.79
N ARG A 1094 1.40 -25.12 1.87
CA ARG A 1094 1.81 -24.71 0.53
C ARG A 1094 0.65 -24.90 -0.45
N ALA A 1095 0.36 -23.86 -1.23
CA ALA A 1095 -0.75 -23.91 -2.18
C ALA A 1095 -0.52 -22.88 -3.29
N ARG A 1096 -1.30 -23.01 -4.35
CA ARG A 1096 -1.28 -22.11 -5.50
C ARG A 1096 -2.62 -21.37 -5.61
N SER A 1097 -2.79 -20.62 -6.71
CA SER A 1097 -3.95 -19.77 -6.88
C SER A 1097 -4.64 -20.06 -8.21
N VAL A 1098 -5.93 -19.72 -8.27
CA VAL A 1098 -6.74 -19.90 -9.47
C VAL A 1098 -6.48 -18.72 -10.41
N GLU A 1099 -6.41 -19.02 -11.72
CA GLU A 1099 -6.03 -18.02 -12.71
C GLU A 1099 -7.05 -16.89 -12.86
N GLY A 1100 -8.30 -17.09 -12.43
CA GLY A 1100 -9.33 -16.10 -12.65
C GLY A 1100 -10.12 -15.80 -11.39
N LEU A 1101 -10.81 -14.67 -11.41
CA LEU A 1101 -11.66 -14.26 -10.31
C LEU A 1101 -12.99 -15.01 -10.35
N SER A 1102 -13.73 -14.93 -9.25
CA SER A 1102 -15.00 -15.62 -9.10
C SER A 1102 -16.04 -14.67 -8.52
N LYS A 1103 -17.32 -15.02 -8.73
CA LYS A 1103 -18.43 -14.18 -8.30
C LYS A 1103 -18.62 -14.16 -6.80
N GLU A 1104 -17.97 -15.05 -6.06
CA GLU A 1104 -18.12 -15.10 -4.61
C GLU A 1104 -17.07 -14.21 -3.95
N ARG A 1105 -17.34 -13.86 -2.68
CA ARG A 1105 -16.46 -13.01 -1.90
C ARG A 1105 -16.21 -13.65 -0.54
N PRO A 1106 -15.01 -13.47 0.01
CA PRO A 1106 -14.70 -14.07 1.31
C PRO A 1106 -15.29 -13.25 2.46
N GLN A 1107 -15.45 -13.94 3.59
CA GLN A 1107 -15.92 -13.29 4.81
C GLN A 1107 -14.77 -12.50 5.45
N PRO A 1108 -14.95 -11.21 5.72
CA PRO A 1108 -13.82 -10.38 6.15
C PRO A 1108 -13.44 -10.56 7.61
N ASN A 1109 -14.40 -10.79 8.50
CA ASN A 1109 -14.17 -10.81 9.93
C ASN A 1109 -14.29 -12.23 10.48
N ILE A 1110 -14.15 -12.36 11.79
CA ILE A 1110 -14.16 -13.65 12.46
C ILE A 1110 -15.56 -14.00 12.91
N PHE A 1111 -16.17 -13.14 13.72
CA PHE A 1111 -17.48 -13.43 14.33
C PHE A 1111 -18.56 -13.29 13.28
N ASN A 1112 -19.02 -14.43 12.76
CA ASN A 1112 -20.16 -14.48 11.86
C ASN A 1112 -20.82 -15.85 12.01
N PHE A 1113 -21.85 -16.09 11.20
CA PHE A 1113 -22.57 -17.36 11.29
C PHE A 1113 -21.73 -18.53 10.83
N TYR A 1114 -20.94 -18.34 9.77
CA TYR A 1114 -20.23 -19.44 9.13
C TYR A 1114 -19.20 -20.06 10.06
N ILE A 1115 -18.23 -19.27 10.51
CA ILE A 1115 -17.10 -19.80 11.29
C ILE A 1115 -17.60 -20.37 12.61
N ILE A 1116 -18.43 -19.60 13.31
CA ILE A 1116 -18.92 -20.03 14.63
C ILE A 1116 -19.77 -21.29 14.50
N GLY A 1117 -20.67 -21.32 13.52
CA GLY A 1117 -21.52 -22.50 13.35
C GLY A 1117 -20.72 -23.74 12.99
N SER A 1118 -19.76 -23.61 12.07
CA SER A 1118 -18.94 -24.76 11.69
C SER A 1118 -18.11 -25.27 12.86
N ILE A 1119 -17.51 -24.36 13.63
CA ILE A 1119 -16.70 -24.77 14.78
C ILE A 1119 -17.56 -25.47 15.81
N LEU A 1120 -18.74 -24.92 16.11
CA LEU A 1120 -19.62 -25.52 17.10
C LEU A 1120 -20.11 -26.89 16.66
N GLY A 1121 -20.50 -27.03 15.40
CA GLY A 1121 -20.98 -28.32 14.91
C GLY A 1121 -19.91 -29.40 14.93
N GLN A 1122 -18.72 -29.07 14.43
CA GLN A 1122 -17.64 -30.05 14.41
C GLN A 1122 -17.19 -30.41 15.82
N PHE A 1123 -17.14 -29.43 16.73
CA PHE A 1123 -16.77 -29.70 18.11
C PHE A 1123 -17.80 -30.59 18.79
N ALA A 1124 -19.09 -30.35 18.54
CA ALA A 1124 -20.14 -31.18 19.12
C ALA A 1124 -20.06 -32.61 18.60
N VAL A 1125 -19.81 -32.78 17.30
CA VAL A 1125 -19.69 -34.12 16.74
C VAL A 1125 -18.51 -34.87 17.35
N HIS A 1126 -17.36 -34.18 17.48
CA HIS A 1126 -16.18 -34.80 18.06
C HIS A 1126 -16.42 -35.18 19.53
N VAL A 1127 -17.06 -34.30 20.29
CA VAL A 1127 -17.32 -34.56 21.70
C VAL A 1127 -18.27 -35.75 21.86
N ALA A 1128 -19.32 -35.80 21.03
CA ALA A 1128 -20.25 -36.92 21.11
C ALA A 1128 -19.58 -38.24 20.79
N THR A 1129 -18.73 -38.26 19.75
CA THR A 1129 -18.03 -39.49 19.41
C THR A 1129 -17.08 -39.92 20.53
N LEU A 1130 -16.36 -38.95 21.13
CA LEU A 1130 -15.45 -39.28 22.22
C LEU A 1130 -16.22 -39.84 23.43
N ILE A 1131 -17.37 -39.24 23.75
CA ILE A 1131 -18.15 -39.70 24.89
C ILE A 1131 -18.68 -41.11 24.63
N TYR A 1132 -19.16 -41.38 23.43
CA TYR A 1132 -19.66 -42.71 23.11
C TYR A 1132 -18.54 -43.75 23.16
N ILE A 1133 -17.36 -43.41 22.65
CA ILE A 1133 -16.24 -44.35 22.69
C ILE A 1133 -15.82 -44.62 24.13
N ALA A 1134 -15.77 -43.58 24.96
CA ALA A 1134 -15.40 -43.77 26.37
C ALA A 1134 -16.41 -44.64 27.09
N GLN A 1135 -17.71 -44.43 26.85
CA GLN A 1135 -18.73 -45.25 27.50
C GLN A 1135 -18.65 -46.71 27.03
N LEU A 1136 -18.42 -46.93 25.74
CA LEU A 1136 -18.28 -48.30 25.23
C LEU A 1136 -17.07 -48.99 25.82
N CYS A 1137 -15.94 -48.27 25.95
CA CYS A 1137 -14.76 -48.87 26.55
C CYS A 1137 -14.94 -49.14 28.03
N ASP A 1138 -15.69 -48.30 28.76
CA ASP A 1138 -16.02 -48.60 30.14
C ASP A 1138 -16.92 -49.82 30.24
N GLN A 1139 -17.83 -49.99 29.28
CA GLN A 1139 -18.68 -51.18 29.27
C GLN A 1139 -17.87 -52.44 29.00
N ILE A 1140 -16.90 -52.37 28.09
CA ILE A 1140 -16.15 -53.57 27.72
C ILE A 1140 -15.28 -54.04 28.88
N GLU A 1141 -14.54 -53.12 29.52
CA GLU A 1141 -13.66 -53.46 30.62
C GLU A 1141 -14.05 -52.68 31.86
N PRO A 1142 -14.37 -53.33 32.97
CA PRO A 1142 -14.74 -52.59 34.18
C PRO A 1142 -13.57 -51.84 34.78
N ARG A 1143 -13.89 -50.74 35.45
CA ARG A 1143 -12.87 -49.94 36.11
C ARG A 1143 -12.53 -50.55 37.47
N THR A 1144 -11.24 -50.64 37.79
CA THR A 1144 -10.81 -51.26 39.04
C THR A 1144 -11.13 -50.37 40.24
N GLU A 1145 -11.24 -49.06 40.01
CA GLU A 1145 -11.52 -48.01 41.00
C GLU A 1145 -10.38 -47.87 42.02
N VAL A 1146 -9.23 -48.49 41.79
CA VAL A 1146 -8.09 -48.36 42.69
C VAL A 1146 -7.27 -47.18 42.19
N ILE A 1147 -7.33 -46.05 42.89
CA ILE A 1147 -6.68 -44.81 42.47
C ILE A 1147 -5.32 -44.74 43.14
N ASP A 1148 -4.27 -44.93 42.37
CA ASP A 1148 -2.90 -44.75 42.83
C ASP A 1148 -2.13 -43.94 41.81
N LEU A 1149 -1.37 -42.95 42.28
CA LEU A 1149 -0.64 -42.05 41.40
C LEU A 1149 0.75 -42.57 41.05
N GLU A 1150 1.12 -43.76 41.53
CA GLU A 1150 2.40 -44.36 41.20
C GLU A 1150 2.29 -45.27 39.97
N ALA A 1151 1.75 -44.71 38.89
CA ALA A 1151 1.52 -45.44 37.64
C ALA A 1151 2.51 -44.96 36.60
N GLU A 1152 3.44 -45.83 36.22
CA GLU A 1152 4.42 -45.53 35.17
C GLU A 1152 3.89 -45.89 33.79
N PHE A 1153 2.70 -45.40 33.48
CA PHE A 1153 2.00 -45.65 32.22
C PHE A 1153 1.83 -47.15 31.95
N LYS A 1154 1.04 -47.77 32.80
CA LYS A 1154 0.55 -49.11 32.48
C LYS A 1154 -0.41 -49.01 31.31
N PRO A 1155 -0.23 -49.80 30.25
CA PRO A 1155 -1.12 -49.71 29.09
C PRO A 1155 -2.55 -50.09 29.44
N SER A 1156 -3.50 -49.39 28.83
CA SER A 1156 -4.91 -49.59 29.09
C SER A 1156 -5.70 -49.42 27.80
N LEU A 1157 -6.92 -49.96 27.80
CA LEU A 1157 -7.76 -49.89 26.62
C LEU A 1157 -8.26 -48.47 26.36
N LEU A 1158 -8.64 -47.76 27.43
CA LEU A 1158 -9.18 -46.42 27.29
C LEU A 1158 -8.15 -45.46 26.73
N ASN A 1159 -6.91 -45.56 27.18
CA ASN A 1159 -5.85 -44.69 26.69
C ASN A 1159 -5.63 -44.85 25.19
N SER A 1160 -5.52 -46.09 24.73
CA SER A 1160 -5.31 -46.34 23.31
C SER A 1160 -6.51 -45.91 22.48
N ALA A 1161 -7.73 -46.18 22.99
CA ALA A 1161 -8.94 -45.81 22.25
C ALA A 1161 -9.04 -44.31 22.07
N VAL A 1162 -8.84 -43.55 23.16
CA VAL A 1162 -8.93 -42.10 23.08
C VAL A 1162 -7.78 -41.53 22.23
N TYR A 1163 -6.60 -42.15 22.31
CA TYR A 1163 -5.47 -41.69 21.49
C TYR A 1163 -5.75 -41.85 20.01
N LEU A 1164 -6.26 -43.02 19.61
CA LEU A 1164 -6.60 -43.24 18.21
C LEU A 1164 -7.72 -42.33 17.75
N LEU A 1165 -8.74 -42.14 18.59
CA LEU A 1165 -9.86 -41.28 18.22
C LEU A 1165 -9.40 -39.83 18.04
N GLN A 1166 -8.55 -39.33 18.94
CA GLN A 1166 -8.10 -37.95 18.82
C GLN A 1166 -7.14 -37.77 17.64
N LEU A 1167 -6.32 -38.78 17.33
CA LEU A 1167 -5.47 -38.67 16.15
C LEU A 1167 -6.29 -38.62 14.87
N ILE A 1168 -7.29 -39.51 14.77
CA ILE A 1168 -8.15 -39.54 13.58
C ILE A 1168 -8.97 -38.25 13.48
N GLN A 1169 -9.43 -37.72 14.61
CA GLN A 1169 -10.19 -36.48 14.60
C GLN A 1169 -9.33 -35.30 14.18
N GLN A 1170 -8.08 -35.25 14.64
CA GLN A 1170 -7.19 -34.18 14.23
C GLN A 1170 -6.88 -34.25 12.74
N ILE A 1171 -6.66 -35.46 12.21
CA ILE A 1171 -6.41 -35.59 10.78
C ILE A 1171 -7.65 -35.21 9.98
N SER A 1172 -8.83 -35.60 10.47
CA SER A 1172 -10.08 -35.25 9.79
C SER A 1172 -10.30 -33.74 9.76
N THR A 1173 -10.04 -33.06 10.88
CA THR A 1173 -10.25 -31.61 10.90
C THR A 1173 -9.15 -30.87 10.16
N PHE A 1174 -8.00 -31.54 9.94
CA PHE A 1174 -7.00 -30.98 9.05
C PHE A 1174 -7.42 -31.08 7.59
N ALA A 1175 -8.00 -32.23 7.21
CA ALA A 1175 -8.30 -32.50 5.81
C ALA A 1175 -9.71 -32.11 5.39
N VAL A 1176 -10.54 -31.60 6.31
CA VAL A 1176 -11.92 -31.24 5.98
C VAL A 1176 -12.14 -29.73 5.90
N ASN A 1177 -11.23 -28.93 6.44
CA ASN A 1177 -11.38 -27.48 6.44
C ASN A 1177 -10.49 -26.80 5.40
N TYR A 1178 -10.10 -27.51 4.35
CA TYR A 1178 -9.27 -26.94 3.31
C TYR A 1178 -10.10 -26.01 2.43
N GLN A 1179 -10.08 -24.71 2.75
CA GLN A 1179 -10.89 -23.72 2.05
C GLN A 1179 -10.23 -23.42 0.70
N GLY A 1180 -10.50 -24.29 -0.27
CA GLY A 1180 -9.88 -24.13 -1.57
C GLY A 1180 -10.74 -24.51 -2.76
N ARG A 1181 -12.06 -24.55 -2.60
CA ARG A 1181 -12.89 -24.90 -3.76
C ARG A 1181 -13.03 -23.74 -4.74
N PRO A 1182 -13.57 -22.55 -4.35
CA PRO A 1182 -13.79 -21.51 -5.38
C PRO A 1182 -12.55 -20.70 -5.72
N PHE A 1183 -11.72 -20.41 -4.72
CA PHE A 1183 -10.63 -19.45 -4.86
C PHE A 1183 -9.27 -20.09 -5.11
N ARG A 1184 -9.06 -21.30 -4.61
CA ARG A 1184 -7.81 -22.03 -4.78
C ARG A 1184 -8.09 -23.32 -5.53
N GLU A 1185 -7.10 -24.20 -5.60
CA GLU A 1185 -7.29 -25.50 -6.20
C GLU A 1185 -7.84 -26.49 -5.17
N SER A 1186 -8.47 -27.55 -5.68
CA SER A 1186 -9.05 -28.56 -4.81
C SER A 1186 -7.94 -29.42 -4.19
N LEU A 1187 -8.34 -30.25 -3.23
CA LEU A 1187 -7.38 -31.11 -2.54
C LEU A 1187 -6.79 -32.15 -3.50
N SER A 1188 -7.64 -32.74 -4.34
CA SER A 1188 -7.18 -33.81 -5.22
C SER A 1188 -6.41 -33.30 -6.42
N GLU A 1189 -6.52 -32.01 -6.77
CA GLU A 1189 -5.84 -31.49 -7.93
C GLU A 1189 -4.37 -31.17 -7.67
N ASN A 1190 -3.93 -31.17 -6.42
CA ASN A 1190 -2.54 -30.95 -6.07
C ASN A 1190 -2.08 -32.11 -5.21
N LYS A 1191 -1.01 -32.80 -5.64
CA LYS A 1191 -0.57 -34.02 -4.98
C LYS A 1191 0.32 -33.74 -3.78
N GLY A 1192 0.83 -32.52 -3.64
CA GLY A 1192 1.83 -32.25 -2.61
C GLY A 1192 1.30 -32.45 -1.20
N MET A 1193 0.09 -31.98 -0.92
CA MET A 1193 -0.54 -32.22 0.37
C MET A 1193 -1.38 -33.49 0.37
N PHE A 1194 -1.85 -33.90 -0.80
CA PHE A 1194 -2.66 -35.11 -0.90
C PHE A 1194 -1.88 -36.35 -0.50
N TYR A 1195 -0.62 -36.44 -0.94
CA TYR A 1195 0.20 -37.59 -0.59
C TYR A 1195 0.47 -37.65 0.91
N GLY A 1196 0.75 -36.51 1.53
CA GLY A 1196 0.93 -36.48 2.97
C GLY A 1196 -0.33 -36.85 3.73
N ILE A 1197 -1.48 -36.35 3.27
CA ILE A 1197 -2.75 -36.65 3.93
C ILE A 1197 -3.04 -38.15 3.85
N VAL A 1198 -2.89 -38.73 2.67
CA VAL A 1198 -3.21 -40.15 2.52
C VAL A 1198 -2.17 -41.01 3.26
N GLY A 1199 -0.91 -40.56 3.33
CA GLY A 1199 0.08 -41.32 4.06
C GLY A 1199 -0.18 -41.35 5.56
N VAL A 1200 -0.52 -40.20 6.14
CA VAL A 1200 -0.80 -40.17 7.58
C VAL A 1200 -2.09 -40.91 7.90
N THR A 1201 -3.11 -40.77 7.03
CA THR A 1201 -4.35 -41.51 7.22
C THR A 1201 -4.12 -43.01 7.13
N ALA A 1202 -3.28 -43.44 6.18
CA ALA A 1202 -2.96 -44.86 6.06
C ALA A 1202 -2.18 -45.37 7.26
N ILE A 1203 -1.27 -44.55 7.81
CA ILE A 1203 -0.54 -44.94 9.01
C ILE A 1203 -1.49 -45.12 10.19
N ALA A 1204 -2.41 -44.17 10.36
CA ALA A 1204 -3.38 -44.28 11.46
C ALA A 1204 -4.30 -45.47 11.29
N PHE A 1205 -4.75 -45.74 10.06
CA PHE A 1205 -5.63 -46.86 9.83
C PHE A 1205 -4.89 -48.19 9.95
N ALA A 1206 -3.60 -48.23 9.61
CA ALA A 1206 -2.81 -49.44 9.84
C ALA A 1206 -2.62 -49.69 11.33
N CYS A 1207 -2.47 -48.61 12.11
CA CYS A 1207 -2.42 -48.76 13.56
C CYS A 1207 -3.73 -49.29 14.11
N SER A 1208 -4.86 -48.78 13.60
CA SER A 1208 -6.16 -49.19 14.12
C SER A 1208 -6.58 -50.58 13.65
N THR A 1209 -6.12 -51.01 12.49
CA THR A 1209 -6.51 -52.30 11.91
C THR A 1209 -5.71 -53.47 12.47
N GLU A 1210 -4.65 -53.19 13.25
CA GLU A 1210 -3.76 -54.20 13.80
C GLU A 1210 -3.13 -55.04 12.70
N MET A 1211 -2.81 -54.41 11.57
CA MET A 1211 -2.13 -55.10 10.49
C MET A 1211 -0.65 -55.28 10.77
N LEU A 1212 -0.06 -54.39 11.58
CA LEU A 1212 1.34 -54.47 11.96
C LEU A 1212 1.44 -54.54 13.48
N PRO A 1213 1.59 -55.73 14.07
CA PRO A 1213 1.66 -55.83 15.53
C PRO A 1213 2.87 -55.13 16.15
N GLU A 1214 3.97 -54.99 15.41
CA GLU A 1214 5.15 -54.33 15.95
C GLU A 1214 4.93 -52.84 16.13
N LEU A 1215 4.17 -52.21 15.24
CA LEU A 1215 3.93 -50.77 15.32
C LEU A 1215 3.12 -50.41 16.56
N ASN A 1216 2.16 -51.25 16.94
CA ASN A 1216 1.39 -51.00 18.16
C ASN A 1216 2.27 -51.08 19.40
N GLU A 1217 3.18 -52.06 19.44
CA GLU A 1217 4.12 -52.15 20.55
C GLU A 1217 5.14 -51.03 20.54
N ALA A 1218 5.42 -50.45 19.37
CA ALA A 1218 6.29 -49.28 19.29
C ALA A 1218 5.67 -48.03 19.89
N MET A 1219 4.35 -48.00 20.08
CA MET A 1219 3.66 -46.86 20.66
C MET A 1219 2.92 -47.21 21.94
N LYS A 1220 3.17 -48.40 22.51
CA LYS A 1220 2.61 -48.85 23.77
C LYS A 1220 1.08 -48.88 23.73
N LEU A 1221 0.57 -49.78 22.88
CA LEU A 1221 -0.86 -49.97 22.68
C LEU A 1221 -1.25 -51.40 23.04
N VAL A 1222 -2.42 -51.54 23.66
CA VAL A 1222 -2.98 -52.85 24.02
C VAL A 1222 -3.61 -53.46 22.78
N PRO A 1223 -3.41 -54.76 22.52
CA PRO A 1223 -4.07 -55.41 21.38
C PRO A 1223 -5.59 -55.43 21.56
N PHE A 1224 -6.29 -55.36 20.44
CA PHE A 1224 -7.74 -55.31 20.40
C PHE A 1224 -8.31 -56.67 20.06
N ASN A 1225 -9.63 -56.73 19.87
CA ASN A 1225 -10.31 -57.90 19.31
C ASN A 1225 -11.14 -57.44 18.13
N GLU A 1226 -11.89 -58.38 17.53
CA GLU A 1226 -12.52 -58.13 16.24
C GLU A 1226 -13.67 -57.12 16.35
N ASN A 1227 -14.57 -57.33 17.32
CA ASN A 1227 -15.74 -56.47 17.42
C ASN A 1227 -15.35 -55.04 17.84
N PHE A 1228 -14.39 -54.92 18.75
CA PHE A 1228 -13.91 -53.60 19.16
C PHE A 1228 -13.27 -52.85 17.99
N LYS A 1229 -12.46 -53.56 17.19
CA LYS A 1229 -11.85 -52.95 16.01
C LYS A 1229 -12.90 -52.50 15.02
N THR A 1230 -13.90 -53.35 14.76
CA THR A 1230 -14.95 -53.00 13.80
C THR A 1230 -15.76 -51.81 14.27
N ILE A 1231 -16.14 -51.78 15.56
CA ILE A 1231 -16.95 -50.67 16.05
C ILE A 1231 -16.14 -49.38 16.09
N MET A 1232 -14.83 -49.47 16.38
CA MET A 1232 -13.99 -48.26 16.34
C MET A 1232 -13.86 -47.72 14.93
N THR A 1233 -13.68 -48.61 13.95
CA THR A 1233 -13.58 -48.17 12.56
C THR A 1233 -14.88 -47.52 12.09
N THR A 1234 -16.02 -48.11 12.44
CA THR A 1234 -17.30 -47.52 12.06
C THR A 1234 -17.51 -46.17 12.74
N VAL A 1235 -17.10 -46.05 14.00
CA VAL A 1235 -17.24 -44.78 14.72
C VAL A 1235 -16.41 -43.70 14.06
N MET A 1236 -15.17 -44.01 13.69
CA MET A 1236 -14.31 -43.03 13.04
C MET A 1236 -14.86 -42.62 11.66
N ILE A 1237 -15.36 -43.59 10.90
CA ILE A 1237 -15.93 -43.29 9.59
C ILE A 1237 -17.17 -42.40 9.72
N ILE A 1238 -18.03 -42.71 10.69
CA ILE A 1238 -19.22 -41.91 10.94
C ILE A 1238 -18.83 -40.49 11.34
N ASP A 1239 -17.80 -40.36 12.19
CA ASP A 1239 -17.32 -39.04 12.60
C ASP A 1239 -16.87 -38.21 11.41
N PHE A 1240 -16.03 -38.81 10.55
CA PHE A 1240 -15.53 -38.06 9.38
C PHE A 1240 -16.67 -37.68 8.44
N VAL A 1241 -17.61 -38.60 8.20
CA VAL A 1241 -18.70 -38.33 7.27
C VAL A 1241 -19.59 -37.21 7.80
N ALA A 1242 -19.95 -37.27 9.09
CA ALA A 1242 -20.81 -36.24 9.67
C ALA A 1242 -20.11 -34.88 9.66
N CYS A 1243 -18.81 -34.84 9.99
CA CYS A 1243 -18.08 -33.58 9.97
C CYS A 1243 -18.04 -32.98 8.56
N TYR A 1244 -17.78 -33.82 7.55
CA TYR A 1244 -17.74 -33.32 6.18
C TYR A 1244 -19.10 -32.82 5.72
N VAL A 1245 -20.17 -33.53 6.08
CA VAL A 1245 -21.52 -33.12 5.67
C VAL A 1245 -21.88 -31.78 6.30
N ILE A 1246 -21.61 -31.62 7.59
CA ILE A 1246 -21.93 -30.37 8.28
C ILE A 1246 -21.14 -29.22 7.69
N GLU A 1247 -19.83 -29.42 7.46
CA GLU A 1247 -19.01 -28.36 6.91
C GLU A 1247 -19.45 -27.97 5.50
N TRP A 1248 -19.78 -28.96 4.66
CA TRP A 1248 -20.21 -28.67 3.31
C TRP A 1248 -21.53 -27.93 3.28
N VAL A 1249 -22.48 -28.32 4.14
CA VAL A 1249 -23.78 -27.64 4.17
C VAL A 1249 -23.60 -26.20 4.63
N LEU A 1250 -22.81 -25.97 5.68
CA LEU A 1250 -22.62 -24.62 6.17
C LEU A 1250 -21.85 -23.74 5.19
N LYS A 1251 -20.88 -24.32 4.46
CA LYS A 1251 -20.16 -23.54 3.46
C LYS A 1251 -21.05 -23.19 2.28
N LYS A 1252 -21.90 -24.13 1.85
CA LYS A 1252 -22.83 -23.82 0.77
C LYS A 1252 -23.87 -22.79 1.20
N LEU A 1253 -24.19 -22.73 2.50
CA LEU A 1253 -25.22 -21.82 2.96
C LEU A 1253 -24.68 -20.41 3.21
N PHE A 1254 -23.70 -20.26 4.12
CA PHE A 1254 -23.39 -18.97 4.70
C PHE A 1254 -22.06 -18.35 4.24
N SER A 1255 -21.30 -19.02 3.36
CA SER A 1255 -19.99 -18.49 3.01
C SER A 1255 -20.07 -17.31 2.05
N ASP A 1256 -21.06 -17.29 1.16
CA ASP A 1256 -21.13 -16.26 0.13
C ASP A 1256 -21.54 -14.93 0.74
N LEU A 1257 -20.64 -13.95 0.70
CA LEU A 1257 -20.95 -12.59 1.11
C LEU A 1257 -21.65 -11.88 -0.04
N ARG A 1258 -22.84 -11.36 0.23
CA ARG A 1258 -23.65 -10.75 -0.81
C ARG A 1258 -23.01 -9.46 -1.32
N ALA A 1259 -23.20 -9.21 -2.61
CA ALA A 1259 -22.68 -7.99 -3.23
C ALA A 1259 -23.44 -6.77 -2.72
N ARG A 1260 -22.75 -5.63 -2.71
CA ARG A 1260 -23.40 -4.39 -2.31
C ARG A 1260 -24.39 -3.95 -3.37
N ASP A 1261 -25.28 -3.04 -2.98
CA ASP A 1261 -26.31 -2.56 -3.89
C ASP A 1261 -25.75 -1.74 -5.04
N ILE A 1262 -24.57 -1.15 -4.88
CA ILE A 1262 -23.96 -0.38 -5.95
C ILE A 1262 -23.45 -1.30 -7.06
N ALA A 1263 -22.99 -2.50 -6.72
CA ALA A 1263 -22.42 -3.43 -7.68
C ALA A 1263 -23.44 -4.44 -8.21
N GLU A 1264 -24.71 -4.31 -7.83
CA GLU A 1264 -25.73 -5.23 -8.32
C GLU A 1264 -25.99 -4.98 -9.81
N ARG A 1265 -26.02 -6.05 -10.59
CA ARG A 1265 -26.13 -5.98 -12.04
C ARG A 1265 -27.54 -6.34 -12.49
N ARG A 1266 -27.96 -5.73 -13.59
CA ARG A 1266 -29.27 -6.01 -14.16
C ARG A 1266 -29.29 -7.38 -14.82
N PRO A 1267 -30.47 -8.01 -14.94
CA PRO A 1267 -30.53 -9.33 -15.58
C PRO A 1267 -30.09 -9.34 -17.04
N ASP A 1268 -30.19 -8.21 -17.75
CA ASP A 1268 -29.74 -8.17 -19.14
C ASP A 1268 -28.24 -8.40 -19.25
N GLN A 1269 -27.46 -7.78 -18.37
CA GLN A 1269 -26.01 -7.99 -18.37
C GLN A 1269 -25.67 -9.43 -18.01
N LEU A 1270 -26.39 -10.02 -17.06
CA LEU A 1270 -26.16 -11.41 -16.69
C LEU A 1270 -26.47 -12.35 -17.86
N GLU A 1271 -27.56 -12.08 -18.58
CA GLU A 1271 -27.90 -12.91 -19.74
C GLU A 1271 -26.86 -12.78 -20.84
N ARG A 1272 -26.38 -11.56 -21.09
CA ARG A 1272 -25.32 -11.36 -22.08
C ARG A 1272 -24.05 -12.09 -21.67
N GLU A 1273 -23.71 -12.02 -20.38
CA GLU A 1273 -22.52 -12.71 -19.88
C GLU A 1273 -22.65 -14.22 -20.04
N ARG A 1274 -23.83 -14.77 -19.73
CA ARG A 1274 -24.02 -16.21 -19.88
C ARG A 1274 -23.94 -16.64 -21.33
N VAL A 1275 -24.53 -15.85 -22.23
CA VAL A 1275 -24.47 -16.17 -23.66
C VAL A 1275 -23.02 -16.15 -24.16
N ARG A 1276 -22.27 -15.12 -23.77
CA ARG A 1276 -20.89 -15.02 -24.20
C ARG A 1276 -20.02 -16.10 -23.57
N LYS A 1277 -20.31 -16.50 -22.33
CA LYS A 1277 -19.57 -17.57 -21.70
C LYS A 1277 -19.82 -18.91 -22.38
N GLU A 1278 -21.08 -19.18 -22.77
CA GLU A 1278 -21.34 -20.40 -23.52
C GLU A 1278 -20.74 -20.35 -24.91
N LYS A 1279 -20.64 -19.16 -25.52
CA LYS A 1279 -19.95 -19.02 -26.80
C LYS A 1279 -18.45 -19.30 -26.65
N GLU A 1280 -17.84 -18.80 -25.58
CA GLU A 1280 -16.45 -19.11 -25.31
C GLU A 1280 -16.26 -20.59 -25.04
N ALA A 1281 -17.23 -21.23 -24.38
CA ALA A 1281 -17.17 -22.67 -24.15
C ALA A 1281 -17.27 -23.45 -25.46
N ARG A 1282 -18.08 -22.97 -26.41
CA ARG A 1282 -18.24 -23.68 -27.66
C ARG A 1282 -17.00 -23.50 -28.55
N GLU A 1283 -16.56 -22.26 -28.74
CA GLU A 1283 -15.37 -21.98 -29.56
C GLU A 1283 -14.05 -22.36 -28.91
N LYS A 1284 -13.94 -23.20 -27.88
CA LYS A 1284 -12.62 -23.63 -27.46
C LYS A 1284 -12.01 -24.63 -28.45
N GLU A 1285 -12.84 -25.31 -29.23
CA GLU A 1285 -12.35 -26.27 -30.21
C GLU A 1285 -13.26 -26.28 -31.43
AL ALF B . -5.41 11.85 -16.42
F1 ALF B . -4.44 11.28 -15.03
F2 ALF B . -6.37 12.42 -17.82
F3 ALF B . -4.00 11.61 -17.49
F4 ALF B . -6.82 12.10 -15.36
MG MG C . -3.37 10.08 -16.37
#